data_3USO
#
_entry.id   3USO
#
_cell.length_a   116.830
_cell.length_b   182.697
_cell.length_c   81.816
_cell.angle_alpha   90.00
_cell.angle_beta   90.00
_cell.angle_gamma   90.00
#
_symmetry.space_group_name_H-M   'P 21 21 2'
#
loop_
_entity.id
_entity.type
_entity.pdbx_description
1 polymer Transporter
2 non-polymer 'SODIUM ION'
3 non-polymer SELENOMETHIONINE
#
_entity_poly.entity_id   1
_entity_poly.type   'polypeptide(L)'
_entity_poly.pdbx_seq_one_letter_code
;MEVKREHWATRLGLILAMAGNAVGLGNFLRFPVQAAENGGGAFMIPYIIAFLLVGIPLMWIEWAMGRYGGAQGHGTTPAI
FYLLWRNRFAKILGVFGLWIPLVVAIYYVYIESWTLGFAIKFLVGLVPEPPPNATDPDSILRPFKEFLYSYIGVPKGDEP
ILKPSLFAYIVFLITMFINVSILIRGISKGIERFAKIAMPTLFILAVFLVIRVFLLETPNGTAADGLNFLWTPDFEKLKD
PGVWIAAVGQIFFTLSLGFGAIITYASYVRKDQDIVLSGLTAATLNEKAEVILGGSISIPAAVAFFGVANAVAIAKAGAF
NLGFITLPAIFSQTAGGTFLGFLWFFLLFFAGLTSSIAIMQPMIAFLEDELKLSRKHAVLWTAAIVFFSAHLVMFLNKSL
DEMDFWAGTIGVVFFGLTELIIFFWIFGADKAWEEINRGGIIKVPRIYYYVMRYITPAFLAVLLVVWAREYIPKIMEETH
WTVWITRFYIIGLFLFLTFLVFLAERRRNHESAGTLVPR
;
_entity_poly.pdbx_strand_id   A,B
#
loop_
_chem_comp.id
_chem_comp.type
_chem_comp.name
_chem_comp.formula
NA non-polymer 'SODIUM ION' 'Na 1'
#
# COMPACT_ATOMS: atom_id res chain seq x y z
N ARG A 5 29.23 -11.92 -10.68
CA ARG A 5 28.51 -10.66 -10.85
C ARG A 5 28.63 -10.16 -12.28
N GLU A 6 27.60 -9.48 -12.76
CA GLU A 6 27.63 -8.90 -14.10
C GLU A 6 28.46 -7.62 -14.10
N HIS A 7 29.15 -7.36 -15.20
CA HIS A 7 30.03 -6.20 -15.29
C HIS A 7 29.83 -5.44 -16.60
N TRP A 8 30.26 -4.18 -16.61
CA TRP A 8 30.22 -3.37 -17.81
C TRP A 8 31.22 -3.89 -18.84
N ALA A 9 30.80 -3.95 -20.10
CA ALA A 9 31.64 -4.48 -21.16
C ALA A 9 32.89 -3.62 -21.39
N THR A 10 32.67 -2.36 -21.77
CA THR A 10 33.77 -1.45 -22.07
C THR A 10 33.78 -0.26 -21.13
N ARG A 11 34.86 0.51 -21.16
CA ARG A 11 34.95 1.71 -20.34
C ARG A 11 34.04 2.81 -20.89
N LEU A 12 33.94 2.87 -22.21
CA LEU A 12 33.09 3.86 -22.88
C LEU A 12 31.62 3.67 -22.51
N GLY A 13 31.14 2.44 -22.67
CA GLY A 13 29.77 2.12 -22.31
C GLY A 13 29.46 2.46 -20.87
N LEU A 14 30.45 2.27 -20.00
CA LEU A 14 30.31 2.63 -18.59
C LEU A 14 30.09 4.12 -18.45
N ILE A 15 30.90 4.92 -19.14
CA ILE A 15 30.81 6.36 -19.05
C ILE A 15 29.46 6.87 -19.56
N LEU A 16 29.01 6.31 -20.69
CA LEU A 16 27.75 6.74 -21.30
C LEU A 16 26.54 6.29 -20.48
N ALA A 17 26.66 5.14 -19.83
CA ALA A 17 25.59 4.64 -18.98
C ALA A 17 25.44 5.51 -17.75
N MET A 18 26.57 5.86 -17.15
CA MET A 18 26.58 6.77 -16.01
C MET A 18 26.09 8.16 -16.43
N ALA A 19 26.59 8.62 -17.58
CA ALA A 19 26.17 9.91 -18.11
C ALA A 19 24.66 9.89 -18.37
N GLY A 20 24.17 8.76 -18.87
CA GLY A 20 22.76 8.59 -19.13
C GLY A 20 21.95 8.62 -17.85
N ASN A 21 22.55 8.14 -16.77
CA ASN A 21 21.93 8.15 -15.46
C ASN A 21 21.71 9.58 -14.97
N ALA A 22 22.77 10.37 -15.03
CA ALA A 22 22.73 11.75 -14.55
C ALA A 22 21.94 12.66 -15.49
N VAL A 23 22.40 12.78 -16.73
CA VAL A 23 21.76 13.66 -17.72
C VAL A 23 20.34 13.20 -18.02
N GLY A 24 19.36 13.97 -17.56
CA GLY A 24 17.97 13.63 -17.78
C GLY A 24 17.03 14.82 -17.69
N LEU A 25 15.80 14.55 -17.29
CA LEU A 25 14.76 15.57 -17.19
C LEU A 25 15.20 16.74 -16.30
N GLY A 26 16.08 16.46 -15.35
CA GLY A 26 16.55 17.49 -14.44
C GLY A 26 17.37 18.56 -15.13
N ASN A 27 17.96 18.21 -16.27
CA ASN A 27 18.81 19.14 -17.01
C ASN A 27 18.02 20.11 -17.86
N PHE A 28 16.97 19.61 -18.50
CA PHE A 28 16.21 20.38 -19.47
C PHE A 28 14.91 20.94 -18.91
N LEU A 29 14.54 20.50 -17.70
CA LEU A 29 13.31 20.98 -17.08
C LEU A 29 13.56 21.62 -15.72
N ARG A 30 14.14 20.86 -14.80
CA ARG A 30 14.34 21.34 -13.44
C ARG A 30 15.33 22.51 -13.38
N PHE A 31 16.48 22.33 -14.01
CA PHE A 31 17.54 23.35 -13.97
C PHE A 31 17.07 24.71 -14.48
N PRO A 32 16.51 24.76 -15.70
CA PRO A 32 16.06 26.05 -16.23
C PRO A 32 15.14 26.78 -15.26
N VAL A 33 14.19 26.05 -14.69
CA VAL A 33 13.27 26.62 -13.72
C VAL A 33 14.01 27.14 -12.50
N GLN A 34 14.91 26.32 -11.95
CA GLN A 34 15.66 26.68 -10.76
C GLN A 34 16.54 27.90 -10.96
N ALA A 35 17.24 27.95 -12.10
CA ALA A 35 18.13 29.06 -12.39
C ALA A 35 17.35 30.36 -12.62
N ALA A 36 16.17 30.24 -13.21
CA ALA A 36 15.34 31.40 -13.53
C ALA A 36 14.71 32.01 -12.29
N GLU A 37 14.25 31.13 -11.38
CA GLU A 37 13.63 31.58 -10.14
C GLU A 37 14.63 32.26 -9.21
N ASN A 38 15.90 31.90 -9.33
CA ASN A 38 16.93 32.42 -8.44
C ASN A 38 17.80 33.52 -9.03
N GLY A 39 17.34 34.14 -10.11
CA GLY A 39 17.99 35.31 -10.67
C GLY A 39 19.09 35.07 -11.67
N GLY A 40 19.00 33.95 -12.39
CA GLY A 40 19.96 33.64 -13.44
C GLY A 40 21.39 33.47 -12.95
N GLY A 41 22.26 34.40 -13.36
CA GLY A 41 23.66 34.34 -13.00
C GLY A 41 23.91 34.25 -11.51
N ALA A 42 23.01 34.85 -10.73
CA ALA A 42 23.11 34.81 -9.27
C ALA A 42 23.05 33.39 -8.76
N PHE A 43 22.36 32.53 -9.49
CA PHE A 43 22.20 31.13 -9.12
C PHE A 43 23.43 30.30 -9.54
N MET A 44 24.19 30.81 -10.49
CA MET A 44 25.31 30.08 -11.05
C MET A 44 26.50 29.96 -10.11
N ILE A 45 26.71 30.97 -9.28
CA ILE A 45 27.83 30.97 -8.33
C ILE A 45 27.66 29.90 -7.25
N PRO A 46 26.51 29.87 -6.56
CA PRO A 46 26.26 28.84 -5.56
C PRO A 46 26.19 27.45 -6.20
N TYR A 47 25.71 27.40 -7.44
CA TYR A 47 25.59 26.15 -8.18
C TYR A 47 26.96 25.51 -8.45
N ILE A 48 27.89 26.31 -8.92
CA ILE A 48 29.25 25.83 -9.21
C ILE A 48 29.94 25.39 -7.92
N ILE A 49 29.81 26.20 -6.87
CA ILE A 49 30.38 25.88 -5.57
C ILE A 49 29.83 24.57 -5.04
N ALA A 50 28.51 24.42 -5.10
CA ALA A 50 27.86 23.20 -4.64
C ALA A 50 28.33 22.00 -5.44
N PHE A 51 28.68 22.23 -6.70
CA PHE A 51 29.18 21.18 -7.58
C PHE A 51 30.58 20.73 -7.18
N LEU A 52 31.37 21.66 -6.68
CA LEU A 52 32.74 21.37 -6.28
C LEU A 52 32.82 20.76 -4.89
N LEU A 53 32.00 21.27 -3.97
CA LEU A 53 32.08 20.88 -2.57
C LEU A 53 31.12 19.75 -2.19
N VAL A 54 30.17 19.45 -3.07
CA VAL A 54 29.17 18.45 -2.79
C VAL A 54 29.06 17.40 -3.89
N GLY A 55 28.73 17.85 -5.09
CA GLY A 55 28.54 16.96 -6.23
C GLY A 55 29.70 16.01 -6.48
N ILE A 56 30.89 16.58 -6.69
CA ILE A 56 32.06 15.78 -7.02
C ILE A 56 32.48 14.80 -5.92
N PRO A 57 32.61 15.29 -4.67
CA PRO A 57 33.01 14.39 -3.59
C PRO A 57 32.02 13.23 -3.37
N LEU A 58 30.73 13.54 -3.35
CA LEU A 58 29.70 12.52 -3.18
C LEU A 58 29.67 11.55 -4.35
N MET A 59 29.86 12.06 -5.57
CA MET A 59 29.92 11.23 -6.75
C MET A 59 30.98 10.15 -6.57
N TRP A 60 32.20 10.58 -6.30
CA TRP A 60 33.30 9.67 -6.03
C TRP A 60 32.99 8.72 -4.89
N ILE A 61 32.39 9.25 -3.83
CA ILE A 61 32.04 8.42 -2.69
C ILE A 61 31.06 7.31 -3.07
N GLU A 62 30.06 7.64 -3.89
CA GLU A 62 29.07 6.66 -4.32
C GLU A 62 29.68 5.61 -5.25
N TRP A 63 30.55 6.06 -6.15
CA TRP A 63 31.28 5.15 -7.03
C TRP A 63 32.06 4.13 -6.21
N ALA A 64 32.86 4.63 -5.27
CA ALA A 64 33.69 3.78 -4.42
C ALA A 64 32.84 2.76 -3.66
N MET A 65 31.83 3.24 -2.96
CA MET A 65 30.93 2.37 -2.21
C MET A 65 30.28 1.34 -3.12
N GLY A 66 29.94 1.76 -4.33
CA GLY A 66 29.32 0.88 -5.30
C GLY A 66 30.23 -0.26 -5.70
N ARG A 67 31.43 0.09 -6.14
CA ARG A 67 32.41 -0.91 -6.57
C ARG A 67 32.84 -1.82 -5.43
N TYR A 68 33.01 -1.22 -4.24
CA TYR A 68 33.39 -1.97 -3.05
C TYR A 68 32.38 -3.07 -2.74
N GLY A 69 31.10 -2.70 -2.70
CA GLY A 69 30.04 -3.65 -2.46
C GLY A 69 29.85 -4.61 -3.62
N GLY A 70 30.03 -4.10 -4.84
CA GLY A 70 29.88 -4.90 -6.03
C GLY A 70 30.89 -6.03 -6.11
N ALA A 71 32.07 -5.78 -5.54
CA ALA A 71 33.12 -6.79 -5.50
C ALA A 71 32.70 -7.99 -4.66
N GLN A 72 31.79 -7.75 -3.72
CA GLN A 72 31.33 -8.79 -2.81
C GLN A 72 29.93 -9.28 -3.20
N GLY A 73 29.40 -8.75 -4.30
CA GLY A 73 28.13 -9.18 -4.83
C GLY A 73 26.92 -8.44 -4.28
N HIS A 74 27.13 -7.23 -3.80
CA HIS A 74 26.04 -6.41 -3.27
C HIS A 74 26.01 -5.04 -3.93
N GLY A 75 24.91 -4.73 -4.60
CA GLY A 75 24.77 -3.48 -5.32
C GLY A 75 23.87 -2.46 -4.68
N THR A 76 23.19 -2.86 -3.61
CA THR A 76 22.27 -1.97 -2.92
C THR A 76 22.77 -1.62 -1.52
N THR A 77 22.34 -0.46 -1.01
CA THR A 77 22.81 0.07 0.26
C THR A 77 22.46 -0.77 1.51
N PRO A 78 21.30 -1.44 1.51
CA PRO A 78 20.99 -2.28 2.67
C PRO A 78 22.15 -3.21 3.02
N ALA A 79 22.76 -3.80 1.99
CA ALA A 79 23.86 -4.72 2.19
C ALA A 79 25.20 -4.00 2.34
N ILE A 80 25.41 -2.97 1.53
CA ILE A 80 26.66 -2.21 1.54
C ILE A 80 26.85 -1.43 2.84
N PHE A 81 25.78 -0.84 3.37
CA PHE A 81 25.86 -0.12 4.63
C PHE A 81 26.27 -1.07 5.76
N TYR A 82 25.94 -2.34 5.61
CA TYR A 82 26.26 -3.35 6.62
C TYR A 82 27.71 -3.79 6.50
N LEU A 83 28.21 -3.83 5.27
CA LEU A 83 29.61 -4.19 5.02
C LEU A 83 30.55 -3.14 5.58
N LEU A 84 30.16 -1.88 5.43
CA LEU A 84 30.95 -0.75 5.90
C LEU A 84 30.78 -0.56 7.41
N TRP A 85 29.60 -0.91 7.91
CA TRP A 85 29.29 -0.79 9.32
C TRP A 85 28.41 -1.94 9.79
N ARG A 86 28.87 -2.67 10.80
CA ARG A 86 28.14 -3.82 11.31
C ARG A 86 27.07 -3.39 12.31
N ASN A 87 25.82 -3.40 11.87
CA ASN A 87 24.69 -3.01 12.72
C ASN A 87 23.36 -3.23 12.01
N ARG A 88 22.32 -3.56 12.77
CA ARG A 88 20.98 -3.72 12.23
C ARG A 88 20.46 -2.38 11.72
N PHE A 89 20.81 -1.32 12.43
CA PHE A 89 20.37 0.03 12.07
C PHE A 89 21.01 0.47 10.75
N ALA A 90 22.16 -0.10 10.44
CA ALA A 90 22.84 0.18 9.17
C ALA A 90 22.03 -0.34 8.00
N LYS A 91 21.35 -1.46 8.21
CA LYS A 91 20.48 -2.04 7.18
C LYS A 91 19.21 -1.21 7.02
N ILE A 92 18.66 -0.77 8.14
CA ILE A 92 17.45 0.04 8.14
C ILE A 92 17.66 1.36 7.42
N LEU A 93 18.80 1.99 7.67
CA LEU A 93 19.18 3.21 6.95
C LEU A 93 19.36 2.90 5.47
N GLY A 94 19.86 1.71 5.19
CA GLY A 94 20.10 1.28 3.83
C GLY A 94 18.82 1.11 3.03
N VAL A 95 17.70 0.98 3.73
CA VAL A 95 16.40 0.83 3.08
C VAL A 95 16.09 2.03 2.20
N PHE A 96 16.58 3.21 2.60
CA PHE A 96 16.38 4.43 1.82
C PHE A 96 17.01 4.33 0.44
N GLY A 97 18.08 3.57 0.33
CA GLY A 97 18.75 3.35 -0.95
C GLY A 97 17.86 2.62 -1.93
N LEU A 98 16.74 2.11 -1.42
CA LEU A 98 15.74 1.45 -2.26
C LEU A 98 14.46 2.28 -2.30
N TRP A 99 14.06 2.78 -1.14
CA TRP A 99 12.85 3.57 -1.01
C TRP A 99 12.90 4.81 -1.91
N ILE A 100 13.98 5.59 -1.79
CA ILE A 100 14.12 6.82 -2.57
C ILE A 100 14.01 6.60 -4.08
N PRO A 101 14.86 5.72 -4.64
CA PRO A 101 14.83 5.51 -6.10
C PRO A 101 13.51 4.93 -6.58
N LEU A 102 12.86 4.12 -5.74
CA LEU A 102 11.58 3.54 -6.10
C LEU A 102 10.48 4.61 -6.12
N VAL A 103 10.41 5.39 -5.05
CA VAL A 103 9.44 6.48 -4.96
C VAL A 103 9.62 7.45 -6.12
N VAL A 104 10.84 7.92 -6.30
CA VAL A 104 11.16 8.83 -7.39
C VAL A 104 10.74 8.24 -8.73
N ALA A 105 11.07 6.97 -8.93
CA ALA A 105 10.75 6.28 -10.16
C ALA A 105 9.24 6.29 -10.45
N ILE A 106 8.44 6.17 -9.41
CA ILE A 106 6.99 6.11 -9.55
C ILE A 106 6.42 7.27 -10.35
N TYR A 107 6.88 8.48 -10.05
CA TYR A 107 6.38 9.67 -10.74
C TYR A 107 7.29 10.08 -11.90
N TYR A 108 8.57 9.74 -11.81
CA TYR A 108 9.53 10.09 -12.84
C TYR A 108 9.18 9.43 -14.16
N VAL A 109 8.86 8.14 -14.09
CA VAL A 109 8.48 7.39 -15.28
C VAL A 109 7.19 7.89 -15.90
N TYR A 110 6.30 8.42 -15.06
CA TYR A 110 5.05 9.00 -15.56
C TYR A 110 5.32 10.28 -16.33
N ILE A 111 6.14 11.15 -15.77
CA ILE A 111 6.54 12.37 -16.45
C ILE A 111 7.21 12.01 -17.77
N GLU A 112 7.99 10.94 -17.75
CA GLU A 112 8.66 10.47 -18.95
C GLU A 112 7.64 10.07 -20.02
N SER A 113 6.59 9.36 -19.60
CA SER A 113 5.56 8.93 -20.53
C SER A 113 4.85 10.12 -21.15
N TRP A 114 4.88 11.25 -20.45
CA TRP A 114 4.32 12.49 -20.97
C TRP A 114 5.08 12.93 -22.22
N THR A 115 6.40 13.08 -22.09
CA THR A 115 7.23 13.53 -23.18
C THR A 115 7.11 12.60 -24.39
N LEU A 116 6.87 11.32 -24.12
CA LEU A 116 6.67 10.36 -25.19
C LEU A 116 5.34 10.59 -25.89
N GLY A 117 4.30 10.81 -25.09
CA GLY A 117 2.98 11.09 -25.62
C GLY A 117 2.97 12.37 -26.44
N PHE A 118 3.67 13.38 -25.94
CA PHE A 118 3.81 14.64 -26.65
C PHE A 118 4.65 14.47 -27.90
N ALA A 119 5.76 13.76 -27.76
CA ALA A 119 6.62 13.46 -28.90
C ALA A 119 5.81 12.82 -30.02
N ILE A 120 4.98 11.84 -29.66
CA ILE A 120 4.15 11.16 -30.64
C ILE A 120 3.15 12.11 -31.29
N LYS A 121 2.43 12.88 -30.48
CA LYS A 121 1.41 13.78 -30.98
C LYS A 121 1.98 14.90 -31.85
N PHE A 122 3.15 15.41 -31.48
CA PHE A 122 3.81 16.46 -32.26
C PHE A 122 4.37 15.93 -33.57
N LEU A 123 4.76 14.66 -33.57
CA LEU A 123 5.26 14.03 -34.78
C LEU A 123 4.14 13.84 -35.78
N VAL A 124 3.00 13.32 -35.30
CA VAL A 124 1.85 13.10 -36.15
C VAL A 124 1.18 14.42 -36.55
N GLY A 125 1.44 15.47 -35.78
CA GLY A 125 0.96 16.80 -36.11
C GLY A 125 -0.36 17.14 -35.44
N LEU A 126 -0.71 16.38 -34.41
CA LEU A 126 -1.94 16.63 -33.65
C LEU A 126 -1.65 17.54 -32.46
N VAL A 127 -1.68 18.85 -32.71
CA VAL A 127 -1.40 19.84 -31.67
C VAL A 127 -2.33 21.04 -31.82
N PRO A 128 -2.49 21.81 -30.74
CA PRO A 128 -3.31 23.03 -30.81
C PRO A 128 -2.72 24.00 -31.84
N GLU A 129 -3.58 24.81 -32.45
CA GLU A 129 -3.16 25.73 -33.50
C GLU A 129 -3.47 27.18 -33.15
N PRO A 130 -2.46 27.93 -32.70
CA PRO A 130 -2.60 29.36 -32.38
C PRO A 130 -2.65 30.22 -33.64
N PRO A 131 -3.27 31.40 -33.55
CA PRO A 131 -3.39 32.33 -34.68
C PRO A 131 -2.06 32.60 -35.37
N THR A 135 -1.35 37.60 -31.80
CA THR A 135 -0.21 38.34 -31.29
C THR A 135 -0.32 38.55 -29.78
N ASP A 136 -1.41 38.05 -29.21
CA ASP A 136 -1.64 38.14 -27.77
C ASP A 136 -1.06 36.91 -27.08
N PRO A 137 -0.12 37.11 -26.14
CA PRO A 137 0.58 36.02 -25.46
C PRO A 137 -0.36 34.97 -24.89
N ASP A 138 -1.44 35.40 -24.25
CA ASP A 138 -2.39 34.47 -23.64
C ASP A 138 -3.14 33.63 -24.68
N SER A 139 -3.42 34.22 -25.85
CA SER A 139 -4.13 33.51 -26.90
C SER A 139 -3.23 32.48 -27.58
N ILE A 140 -1.92 32.61 -27.37
CA ILE A 140 -0.95 31.67 -27.93
C ILE A 140 -0.66 30.55 -26.93
N LEU A 141 -0.59 30.91 -25.66
CA LEU A 141 -0.27 29.95 -24.60
C LEU A 141 -1.47 29.12 -24.19
N ARG A 142 -2.64 29.75 -24.13
CA ARG A 142 -3.86 29.08 -23.67
C ARG A 142 -4.11 27.74 -24.37
N PRO A 143 -4.04 27.70 -25.71
CA PRO A 143 -4.29 26.44 -26.42
C PRO A 143 -3.40 25.30 -25.94
N PHE A 144 -2.14 25.61 -25.63
CA PHE A 144 -1.19 24.60 -25.17
C PHE A 144 -1.40 24.23 -23.70
N LYS A 145 -1.84 25.20 -22.90
CA LYS A 145 -2.20 24.94 -21.52
C LYS A 145 -3.39 24.00 -21.47
N GLU A 146 -4.38 24.26 -22.31
CA GLU A 146 -5.56 23.40 -22.42
C GLU A 146 -5.16 22.03 -22.96
N PHE A 147 -4.11 22.01 -23.79
CA PHE A 147 -3.62 20.76 -24.36
C PHE A 147 -3.05 19.86 -23.28
N LEU A 148 -2.13 20.40 -22.48
CA LEU A 148 -1.53 19.67 -21.38
C LEU A 148 -2.58 19.21 -20.38
N TYR A 149 -3.45 20.12 -19.98
CA TYR A 149 -4.50 19.82 -19.01
C TYR A 149 -5.47 18.75 -19.50
N SER A 150 -5.65 18.67 -20.81
CA SER A 150 -6.51 17.65 -21.40
C SER A 150 -5.80 16.30 -21.39
N TYR A 151 -4.48 16.35 -21.44
CA TYR A 151 -3.66 15.15 -21.48
C TYR A 151 -3.64 14.45 -20.11
N ILE A 152 -3.15 15.15 -19.09
CA ILE A 152 -3.01 14.57 -17.77
C ILE A 152 -4.28 14.68 -16.94
N GLY A 153 -5.26 15.40 -17.46
CA GLY A 153 -6.56 15.53 -16.82
C GLY A 153 -6.56 16.45 -15.61
N VAL A 154 -6.13 17.70 -15.82
CA VAL A 154 -6.11 18.69 -14.75
C VAL A 154 -7.50 19.26 -14.49
N PRO A 155 -7.87 19.39 -13.20
CA PRO A 155 -9.18 19.92 -12.80
C PRO A 155 -9.28 21.43 -12.97
N LYS A 156 -10.49 21.93 -13.20
CA LYS A 156 -10.71 23.36 -13.38
C LYS A 156 -10.24 24.16 -12.18
N GLY A 157 -10.96 24.04 -11.06
CA GLY A 157 -10.53 24.65 -9.81
C GLY A 157 -9.38 23.85 -9.24
N ASP A 158 -9.24 23.85 -7.91
CA ASP A 158 -8.22 23.02 -7.27
C ASP A 158 -8.87 21.76 -6.68
N GLU A 159 -9.27 20.85 -7.57
CA GLU A 159 -9.90 19.61 -7.15
C GLU A 159 -8.91 18.46 -7.07
N PRO A 160 -9.08 17.58 -6.08
CA PRO A 160 -8.12 16.53 -5.72
C PRO A 160 -7.96 15.44 -6.78
N ILE A 161 -8.98 15.24 -7.61
CA ILE A 161 -8.96 14.12 -8.56
C ILE A 161 -8.48 14.53 -9.95
N LEU A 162 -7.62 13.69 -10.53
CA LEU A 162 -7.16 13.89 -11.91
C LEU A 162 -7.87 12.92 -12.83
N LYS A 163 -8.00 13.28 -14.11
CA LYS A 163 -8.65 12.42 -15.08
C LYS A 163 -7.83 12.27 -16.36
N PRO A 164 -6.76 11.47 -16.30
CA PRO A 164 -5.86 11.25 -17.44
C PRO A 164 -6.60 10.68 -18.64
N SER A 165 -6.34 11.23 -19.82
CA SER A 165 -6.95 10.72 -21.04
C SER A 165 -6.48 9.31 -21.32
N LEU A 166 -7.32 8.52 -21.97
CA LEU A 166 -6.98 7.14 -22.28
C LEU A 166 -5.62 7.05 -22.93
N PHE A 167 -5.31 8.02 -23.79
CA PHE A 167 -4.04 8.03 -24.52
C PHE A 167 -2.84 8.12 -23.58
N ALA A 168 -2.89 9.05 -22.62
CA ALA A 168 -1.80 9.22 -21.68
C ALA A 168 -1.55 7.93 -20.90
N TYR A 169 -2.63 7.23 -20.58
CA TYR A 169 -2.55 5.98 -19.85
C TYR A 169 -1.87 4.91 -20.71
N ILE A 170 -2.31 4.78 -21.95
CA ILE A 170 -1.74 3.80 -22.87
C ILE A 170 -0.27 4.11 -23.12
N VAL A 171 0.06 5.39 -23.23
CA VAL A 171 1.44 5.82 -23.45
C VAL A 171 2.31 5.48 -22.24
N PHE A 172 1.71 5.53 -21.05
CA PHE A 172 2.43 5.17 -19.83
C PHE A 172 2.76 3.69 -19.81
N LEU A 173 1.78 2.87 -20.19
CA LEU A 173 1.99 1.44 -20.33
C LEU A 173 3.17 1.20 -21.27
N ILE A 174 3.14 1.84 -22.43
CA ILE A 174 4.20 1.71 -23.42
C ILE A 174 5.55 2.12 -22.84
N THR A 175 5.57 3.24 -22.13
CA THR A 175 6.80 3.72 -21.50
C THR A 175 7.36 2.65 -20.58
N MET A 176 6.48 2.07 -19.76
CA MET A 176 6.88 0.98 -18.87
C MET A 176 7.46 -0.18 -19.66
N PHE A 177 6.80 -0.53 -20.76
CA PHE A 177 7.26 -1.62 -21.62
C PHE A 177 8.66 -1.35 -22.15
N ILE A 178 8.90 -0.11 -22.59
CA ILE A 178 10.22 0.27 -23.09
C ILE A 178 11.27 0.17 -22.00
N ASN A 179 10.95 0.67 -20.81
CA ASN A 179 11.83 0.57 -19.66
C ASN A 179 12.19 -0.89 -19.35
N VAL A 180 11.20 -1.77 -19.48
CA VAL A 180 11.38 -3.18 -19.19
C VAL A 180 12.25 -3.87 -20.24
N SER A 181 11.97 -3.62 -21.51
CA SER A 181 12.69 -4.26 -22.60
C SER A 181 14.19 -3.94 -22.55
N ILE A 182 14.54 -2.79 -22.01
CA ILE A 182 15.94 -2.39 -21.87
C ILE A 182 16.55 -3.04 -20.63
N LEU A 183 15.85 -2.94 -19.51
CA LEU A 183 16.34 -3.45 -18.23
C LEU A 183 16.46 -4.98 -18.18
N ILE A 184 15.56 -5.66 -18.89
CA ILE A 184 15.50 -7.12 -18.84
C ILE A 184 16.69 -7.78 -19.55
N ARG A 185 17.42 -7.00 -20.36
CA ARG A 185 18.56 -7.54 -21.10
C ARG A 185 19.85 -7.46 -20.29
N GLY A 186 19.79 -6.85 -19.12
CA GLY A 186 20.93 -6.81 -18.22
C GLY A 186 21.72 -5.51 -18.29
N ILE A 187 22.88 -5.51 -17.63
CA ILE A 187 23.71 -4.33 -17.54
C ILE A 187 24.43 -4.00 -18.85
N SER A 188 25.14 -4.99 -19.39
CA SER A 188 25.98 -4.77 -20.57
C SER A 188 25.18 -4.83 -21.88
N LYS A 189 24.24 -5.76 -21.96
CA LYS A 189 23.46 -5.95 -23.18
C LYS A 189 22.27 -5.00 -23.26
N GLY A 190 21.70 -4.66 -22.11
CA GLY A 190 20.51 -3.84 -22.07
C GLY A 190 20.77 -2.34 -21.93
N ILE A 191 21.34 -1.94 -20.80
CA ILE A 191 21.57 -0.53 -20.51
C ILE A 191 22.74 0.04 -21.31
N GLU A 192 23.85 -0.69 -21.34
CA GLU A 192 25.04 -0.20 -22.03
C GLU A 192 24.80 -0.04 -23.53
N ARG A 193 24.26 -1.07 -24.16
CA ARG A 193 23.92 -0.99 -25.58
C ARG A 193 23.11 0.25 -25.90
N PHE A 194 22.06 0.46 -25.12
CA PHE A 194 21.15 1.59 -25.33
C PHE A 194 21.82 2.92 -25.02
N ALA A 195 22.76 2.91 -24.09
CA ALA A 195 23.48 4.12 -23.71
C ALA A 195 24.34 4.63 -24.86
N LYS A 196 25.01 3.72 -25.54
CA LYS A 196 25.87 4.07 -26.67
C LYS A 196 25.10 4.68 -27.83
N ILE A 197 23.79 4.50 -27.82
CA ILE A 197 22.93 5.06 -28.87
C ILE A 197 22.22 6.31 -28.36
N ALA A 198 21.46 6.14 -27.29
CA ALA A 198 20.65 7.21 -26.73
C ALA A 198 21.44 8.49 -26.48
N MET A 199 22.62 8.35 -25.88
CA MET A 199 23.43 9.50 -25.50
C MET A 199 23.89 10.34 -26.70
N PRO A 200 24.59 9.72 -27.66
CA PRO A 200 25.00 10.48 -28.84
C PRO A 200 23.82 11.15 -29.50
N THR A 201 22.71 10.42 -29.65
CA THR A 201 21.49 10.98 -30.20
C THR A 201 21.01 12.17 -29.37
N LEU A 202 21.03 11.99 -28.05
CA LEU A 202 20.62 13.04 -27.13
C LEU A 202 21.47 14.30 -27.33
N PHE A 203 22.78 14.13 -27.38
CA PHE A 203 23.67 15.27 -27.55
C PHE A 203 23.45 15.99 -28.87
N ILE A 204 23.25 15.22 -29.93
CA ILE A 204 22.99 15.80 -31.26
C ILE A 204 21.73 16.64 -31.27
N LEU A 205 20.63 16.07 -30.79
CA LEU A 205 19.36 16.79 -30.71
C LEU A 205 19.49 18.06 -29.88
N ALA A 206 20.16 17.94 -28.74
CA ALA A 206 20.37 19.08 -27.86
C ALA A 206 21.11 20.22 -28.56
N VAL A 207 22.22 19.88 -29.19
CA VAL A 207 23.02 20.86 -29.92
C VAL A 207 22.20 21.55 -31.00
N PHE A 208 21.46 20.75 -31.75
CA PHE A 208 20.61 21.28 -32.82
C PHE A 208 19.59 22.26 -32.27
N LEU A 209 18.92 21.86 -31.18
CA LEU A 209 17.92 22.71 -30.55
C LEU A 209 18.53 24.01 -30.02
N VAL A 210 19.71 23.90 -29.40
CA VAL A 210 20.40 25.06 -28.88
C VAL A 210 20.71 26.07 -29.98
N ILE A 211 21.16 25.58 -31.13
CA ILE A 211 21.47 26.43 -32.26
C ILE A 211 20.22 27.09 -32.81
N ARG A 212 19.19 26.28 -33.07
CA ARG A 212 17.93 26.79 -33.60
C ARG A 212 17.33 27.84 -32.66
N VAL A 213 17.39 27.58 -31.36
CA VAL A 213 16.86 28.52 -30.36
C VAL A 213 17.67 29.81 -30.31
N PHE A 214 18.98 29.69 -30.51
CA PHE A 214 19.87 30.83 -30.48
C PHE A 214 19.60 31.79 -31.65
N LEU A 215 18.95 31.26 -32.69
CA LEU A 215 18.64 32.04 -33.89
C LEU A 215 17.34 32.84 -33.73
N LEU A 216 16.65 32.63 -32.61
CA LEU A 216 15.38 33.30 -32.36
C LEU A 216 15.56 34.73 -31.89
N GLU A 217 15.03 35.67 -32.67
CA GLU A 217 15.12 37.10 -32.35
C GLU A 217 13.82 37.81 -32.72
N THR A 218 13.25 38.53 -31.76
CA THR A 218 11.99 39.24 -31.97
C THR A 218 12.07 40.65 -31.40
N PRO A 219 11.05 41.49 -31.69
CA PRO A 219 10.99 42.84 -31.13
C PRO A 219 10.91 42.83 -29.60
N ASN A 220 10.60 41.69 -29.01
CA ASN A 220 10.49 41.58 -27.55
C ASN A 220 11.80 41.16 -26.89
N GLY A 221 12.75 40.72 -27.69
CA GLY A 221 14.05 40.30 -27.17
C GLY A 221 14.74 39.29 -28.07
N THR A 222 15.82 38.70 -27.57
CA THR A 222 16.56 37.68 -28.31
C THR A 222 17.00 36.55 -27.39
N ALA A 223 17.50 35.46 -27.97
CA ALA A 223 18.00 34.35 -27.17
C ALA A 223 19.31 34.75 -26.49
N ALA A 224 19.98 35.74 -27.05
CA ALA A 224 21.21 36.27 -26.50
C ALA A 224 20.95 36.98 -25.18
N ASP A 225 19.80 37.61 -25.05
CA ASP A 225 19.42 38.30 -23.82
C ASP A 225 19.21 37.30 -22.68
N GLY A 226 18.74 36.11 -23.03
CA GLY A 226 18.54 35.05 -22.06
C GLY A 226 19.84 34.44 -21.59
N LEU A 227 20.76 34.24 -22.53
CA LEU A 227 22.09 33.73 -22.20
C LEU A 227 22.84 34.73 -21.34
N ASN A 228 22.67 36.02 -21.64
CA ASN A 228 23.26 37.08 -20.83
C ASN A 228 22.67 37.07 -19.43
N PHE A 229 21.34 36.98 -19.35
CA PHE A 229 20.66 36.93 -18.06
C PHE A 229 21.12 35.75 -17.19
N LEU A 230 21.30 34.60 -17.81
CA LEU A 230 21.68 33.38 -17.10
C LEU A 230 23.15 33.39 -16.67
N TRP A 231 23.98 34.11 -17.44
CA TRP A 231 25.42 34.11 -17.20
C TRP A 231 25.95 35.43 -16.64
N THR A 232 25.06 36.38 -16.40
CA THR A 232 25.44 37.66 -15.81
C THR A 232 25.37 37.61 -14.28
N PRO A 233 26.53 37.60 -13.63
CA PRO A 233 26.65 37.48 -12.17
C PRO A 233 25.86 38.55 -11.42
N ASP A 234 25.31 38.15 -10.27
CA ASP A 234 24.62 39.07 -9.38
C ASP A 234 24.97 38.69 -7.94
N PHE A 235 25.65 39.60 -7.24
CA PHE A 235 26.17 39.31 -5.91
C PHE A 235 25.21 39.72 -4.80
N GLU A 236 24.06 40.25 -5.16
CA GLU A 236 23.07 40.69 -4.18
C GLU A 236 22.26 39.52 -3.63
N LYS A 237 22.29 38.39 -4.35
CA LYS A 237 21.53 37.20 -3.97
C LYS A 237 22.39 36.19 -3.23
N LEU A 238 23.64 36.54 -3.00
CA LEU A 238 24.55 35.65 -2.28
C LEU A 238 24.24 35.58 -0.79
N LYS A 239 23.38 36.48 -0.31
CA LYS A 239 22.99 36.49 1.10
C LYS A 239 21.66 35.79 1.33
N ASP A 240 21.05 35.33 0.25
CA ASP A 240 19.78 34.63 0.33
C ASP A 240 20.05 33.12 0.43
N PRO A 241 19.75 32.53 1.60
CA PRO A 241 19.94 31.10 1.83
C PRO A 241 19.19 30.22 0.83
N GLY A 242 17.98 30.66 0.45
CA GLY A 242 17.15 29.92 -0.48
C GLY A 242 17.87 29.57 -1.78
N VAL A 243 18.70 30.51 -2.25
CA VAL A 243 19.45 30.29 -3.48
C VAL A 243 20.47 29.17 -3.30
N TRP A 244 21.15 29.16 -2.15
CA TRP A 244 22.12 28.12 -1.84
C TRP A 244 21.41 26.77 -1.70
N ILE A 245 20.25 26.78 -1.05
CA ILE A 245 19.47 25.57 -0.86
C ILE A 245 19.02 24.99 -2.20
N ALA A 246 18.53 25.87 -3.07
CA ALA A 246 18.05 25.46 -4.39
C ALA A 246 19.20 24.92 -5.24
N ALA A 247 20.37 25.54 -5.14
CA ALA A 247 21.54 25.12 -5.89
C ALA A 247 22.01 23.74 -5.44
N VAL A 248 22.02 23.52 -4.12
CA VAL A 248 22.42 22.24 -3.57
C VAL A 248 21.45 21.14 -3.97
N GLY A 249 20.16 21.43 -3.84
CA GLY A 249 19.12 20.48 -4.23
C GLY A 249 19.25 20.08 -5.69
N GLN A 250 19.54 21.07 -6.54
CA GLN A 250 19.70 20.82 -7.97
C GLN A 250 20.90 19.93 -8.26
N ILE A 251 22.02 20.22 -7.62
CA ILE A 251 23.24 19.42 -7.77
C ILE A 251 22.97 17.97 -7.39
N PHE A 252 22.27 17.76 -6.29
CA PHE A 252 21.91 16.43 -5.83
C PHE A 252 21.05 15.70 -6.86
N PHE A 253 20.03 16.39 -7.35
CA PHE A 253 19.06 15.77 -8.25
C PHE A 253 19.64 15.51 -9.64
N THR A 254 20.42 16.46 -10.14
CA THR A 254 20.97 16.35 -11.50
C THR A 254 22.07 15.30 -11.60
N LEU A 255 22.84 15.14 -10.52
CA LEU A 255 23.93 14.17 -10.52
C LEU A 255 23.48 12.79 -10.04
N SER A 256 22.20 12.67 -9.73
CA SER A 256 21.63 11.41 -9.25
C SER A 256 22.27 10.98 -7.93
N LEU A 257 22.60 11.96 -7.10
CA LEU A 257 23.21 11.70 -5.81
C LEU A 257 22.16 11.49 -4.72
N GLY A 258 22.35 10.46 -3.91
CA GLY A 258 21.43 10.16 -2.82
C GLY A 258 20.24 9.34 -3.28
N PHE A 259 20.29 8.88 -4.53
CA PHE A 259 19.22 8.04 -5.07
C PHE A 259 19.61 6.57 -5.00
N GLY A 260 20.86 6.32 -4.61
CA GLY A 260 21.37 4.97 -4.57
C GLY A 260 21.52 4.40 -5.97
N ALA A 261 21.31 5.25 -6.97
CA ALA A 261 21.42 4.84 -8.37
C ALA A 261 22.88 4.71 -8.79
N ILE A 262 23.67 5.74 -8.49
CA ILE A 262 25.09 5.74 -8.82
C ILE A 262 25.80 4.54 -8.19
N ILE A 263 25.48 4.26 -6.93
CA ILE A 263 26.07 3.13 -6.22
C ILE A 263 25.77 1.82 -6.92
N THR A 264 24.51 1.61 -7.27
CA THR A 264 24.09 0.38 -7.94
C THR A 264 24.81 0.21 -9.27
N TYR A 265 24.85 1.28 -10.06
CA TYR A 265 25.56 1.25 -11.34
C TYR A 265 27.04 0.94 -11.12
N ALA A 266 27.60 1.50 -10.06
CA ALA A 266 29.03 1.35 -9.75
C ALA A 266 29.37 -0.06 -9.28
N SER A 267 28.38 -0.78 -8.75
CA SER A 267 28.60 -2.12 -8.22
C SER A 267 28.93 -3.11 -9.32
N TYR A 268 28.70 -2.69 -10.57
CA TYR A 268 28.96 -3.52 -11.73
C TYR A 268 30.30 -3.17 -12.37
N VAL A 269 31.04 -2.28 -11.71
CA VAL A 269 32.40 -1.94 -12.13
C VAL A 269 33.38 -2.91 -11.48
N ARG A 270 34.23 -3.53 -12.30
CA ARG A 270 35.19 -4.50 -11.79
C ARG A 270 36.01 -3.91 -10.66
N LYS A 271 36.41 -4.75 -9.70
CA LYS A 271 37.10 -4.29 -8.51
C LYS A 271 38.35 -3.46 -8.82
N ASP A 272 39.03 -3.81 -9.91
CA ASP A 272 40.30 -3.18 -10.24
C ASP A 272 40.19 -1.96 -11.17
N GLN A 273 39.06 -1.83 -11.86
CA GLN A 273 38.87 -0.73 -12.81
C GLN A 273 38.78 0.63 -12.12
N ASP A 274 39.23 1.66 -12.82
CA ASP A 274 39.23 3.02 -12.29
C ASP A 274 37.83 3.58 -12.10
N ILE A 275 37.62 4.27 -10.99
CA ILE A 275 36.35 4.92 -10.71
C ILE A 275 36.52 6.43 -10.55
N VAL A 276 37.77 6.87 -10.50
CA VAL A 276 38.10 8.28 -10.32
C VAL A 276 37.86 9.09 -11.59
N LEU A 277 38.61 8.76 -12.65
CA LEU A 277 38.50 9.47 -13.91
C LEU A 277 37.14 9.22 -14.57
N SER A 278 36.62 8.01 -14.40
CA SER A 278 35.32 7.66 -14.95
C SER A 278 34.21 8.51 -14.33
N GLY A 279 34.24 8.64 -13.00
CA GLY A 279 33.24 9.42 -12.29
C GLY A 279 33.30 10.90 -12.61
N LEU A 280 34.51 11.45 -12.68
CA LEU A 280 34.69 12.85 -13.00
C LEU A 280 34.18 13.16 -14.40
N THR A 281 34.40 12.24 -15.33
CA THR A 281 33.95 12.40 -16.71
C THR A 281 32.43 12.42 -16.80
N ALA A 282 31.80 11.50 -16.08
CA ALA A 282 30.34 11.40 -16.07
C ALA A 282 29.72 12.67 -15.50
N ALA A 283 30.25 13.15 -14.39
CA ALA A 283 29.77 14.37 -13.75
C ALA A 283 30.01 15.59 -14.63
N THR A 284 31.18 15.63 -15.26
CA THR A 284 31.52 16.73 -16.16
C THR A 284 30.58 16.77 -17.36
N LEU A 285 30.30 15.59 -17.91
CA LEU A 285 29.38 15.48 -19.04
C LEU A 285 27.98 15.98 -18.67
N ASN A 286 27.59 15.73 -17.43
CA ASN A 286 26.27 16.13 -16.95
C ASN A 286 26.13 17.64 -16.81
N GLU A 287 27.16 18.28 -16.26
CA GLU A 287 27.16 19.73 -16.08
C GLU A 287 27.18 20.43 -17.43
N LYS A 288 27.96 19.90 -18.37
CA LYS A 288 28.00 20.42 -19.73
C LYS A 288 26.62 20.34 -20.34
N ALA A 289 25.95 19.20 -20.13
CA ALA A 289 24.61 18.98 -20.66
C ALA A 289 23.57 19.81 -19.91
N GLU A 290 23.93 20.26 -18.72
CA GLU A 290 23.01 21.03 -17.89
C GLU A 290 23.10 22.53 -18.17
N VAL A 291 24.26 23.12 -17.87
CA VAL A 291 24.43 24.57 -17.99
C VAL A 291 24.55 25.04 -19.45
N ILE A 292 25.24 24.26 -20.27
CA ILE A 292 25.48 24.65 -21.67
C ILE A 292 24.30 24.33 -22.59
N LEU A 293 23.73 23.14 -22.43
CA LEU A 293 22.62 22.71 -23.27
C LEU A 293 21.27 23.08 -22.68
N GLY A 294 20.97 22.52 -21.51
CA GLY A 294 19.68 22.72 -20.87
C GLY A 294 19.36 24.17 -20.59
N GLY A 295 20.36 24.93 -20.18
CA GLY A 295 20.14 26.33 -19.83
C GLY A 295 20.11 27.26 -21.03
N SER A 296 20.44 26.72 -22.20
CA SER A 296 20.51 27.54 -23.40
C SER A 296 19.37 27.24 -24.38
N ILE A 297 18.38 26.48 -23.92
CA ILE A 297 17.24 26.15 -24.75
C ILE A 297 15.97 26.86 -24.26
N SER A 298 15.43 26.38 -23.14
CA SER A 298 14.18 26.89 -22.61
C SER A 298 14.25 28.39 -22.31
N ILE A 299 15.13 28.76 -21.38
CA ILE A 299 15.23 30.15 -20.93
C ILE A 299 15.43 31.18 -22.06
N PRO A 300 16.48 31.00 -22.89
CA PRO A 300 16.72 31.96 -23.97
C PRO A 300 15.52 32.09 -24.89
N ALA A 301 14.80 31.00 -25.11
CA ALA A 301 13.63 31.00 -25.97
C ALA A 301 12.51 31.84 -25.39
N ALA A 302 12.23 31.64 -24.10
CA ALA A 302 11.19 32.41 -23.42
C ALA A 302 11.54 33.89 -23.39
N VAL A 303 12.80 34.18 -23.08
CA VAL A 303 13.29 35.55 -23.04
C VAL A 303 13.21 36.22 -24.42
N ALA A 304 13.38 35.40 -25.46
CA ALA A 304 13.34 35.90 -26.83
C ALA A 304 11.95 36.45 -27.17
N PHE A 305 10.93 35.68 -26.85
CA PHE A 305 9.55 36.02 -27.23
C PHE A 305 8.85 36.95 -26.24
N PHE A 306 9.03 36.69 -24.95
CA PHE A 306 8.28 37.41 -23.92
C PHE A 306 9.12 38.35 -23.06
N GLY A 307 10.42 38.43 -23.34
CA GLY A 307 11.30 39.28 -22.57
C GLY A 307 11.64 38.67 -21.21
N VAL A 308 12.69 39.19 -20.58
CA VAL A 308 13.21 38.61 -19.35
C VAL A 308 12.18 38.55 -18.21
N ALA A 309 11.55 39.68 -17.93
CA ALA A 309 10.58 39.76 -16.84
C ALA A 309 9.50 38.68 -16.94
N ASN A 310 8.89 38.58 -18.11
CA ASN A 310 7.85 37.58 -18.35
C ASN A 310 8.37 36.16 -18.28
N ALA A 311 9.56 35.95 -18.85
CA ALA A 311 10.20 34.63 -18.82
C ALA A 311 10.38 34.14 -17.40
N VAL A 312 10.90 35.02 -16.54
CA VAL A 312 11.07 34.70 -15.13
C VAL A 312 9.73 34.39 -14.49
N ALA A 313 8.72 35.18 -14.83
CA ALA A 313 7.37 34.98 -14.33
C ALA A 313 6.84 33.60 -14.71
N ILE A 314 7.11 33.21 -15.95
CA ILE A 314 6.67 31.91 -16.45
C ILE A 314 7.39 30.76 -15.75
N ALA A 315 8.67 30.97 -15.45
CA ALA A 315 9.46 29.96 -14.76
C ALA A 315 8.94 29.73 -13.34
N LYS A 316 8.61 30.82 -12.66
CA LYS A 316 8.06 30.76 -11.32
C LYS A 316 6.69 30.08 -11.32
N ALA A 317 5.97 30.24 -12.43
CA ALA A 317 4.62 29.70 -12.56
C ALA A 317 4.54 28.21 -12.28
N GLY A 318 5.54 27.47 -12.77
CA GLY A 318 5.57 26.03 -12.56
C GLY A 318 6.77 25.38 -13.23
N ALA A 319 7.02 24.12 -12.90
CA ALA A 319 8.13 23.38 -13.48
C ALA A 319 7.79 22.85 -14.86
N PHE A 320 6.54 22.49 -15.07
CA PHE A 320 6.09 21.94 -16.34
C PHE A 320 5.57 23.00 -17.29
N ASN A 321 5.30 24.19 -16.77
CA ASN A 321 4.75 25.28 -17.57
C ASN A 321 5.72 25.76 -18.65
N LEU A 322 7.01 25.73 -18.33
CA LEU A 322 8.04 26.18 -19.26
C LEU A 322 8.33 25.12 -20.32
N GLY A 323 8.30 23.85 -19.92
CA GLY A 323 8.68 22.77 -20.80
C GLY A 323 7.59 22.26 -21.73
N PHE A 324 6.39 22.07 -21.20
CA PHE A 324 5.30 21.45 -21.95
C PHE A 324 4.32 22.45 -22.55
N ILE A 325 4.38 23.70 -22.12
CA ILE A 325 3.41 24.70 -22.58
C ILE A 325 4.07 25.88 -23.29
N THR A 326 4.90 26.63 -22.58
CA THR A 326 5.51 27.83 -23.11
C THR A 326 6.39 27.56 -24.33
N LEU A 327 7.30 26.58 -24.20
CA LEU A 327 8.26 26.29 -25.26
C LEU A 327 7.58 25.85 -26.56
N PRO A 328 6.72 24.83 -26.51
CA PRO A 328 6.01 24.41 -27.73
C PRO A 328 5.15 25.53 -28.31
N ALA A 329 4.60 26.37 -27.44
CA ALA A 329 3.82 27.52 -27.89
C ALA A 329 4.70 28.47 -28.69
N ILE A 330 5.93 28.67 -28.21
CA ILE A 330 6.88 29.53 -28.90
C ILE A 330 7.27 28.96 -30.26
N PHE A 331 7.49 27.66 -30.32
CA PHE A 331 7.87 26.99 -31.56
C PHE A 331 6.77 27.07 -32.60
N SER A 332 5.53 26.92 -32.17
CA SER A 332 4.39 26.91 -33.09
C SER A 332 4.27 28.22 -33.85
N GLN A 333 5.03 29.23 -33.43
CA GLN A 333 5.01 30.53 -34.08
C GLN A 333 6.12 30.67 -35.12
N THR A 334 6.91 29.63 -35.28
CA THR A 334 7.99 29.62 -36.27
C THR A 334 7.75 28.57 -37.34
N ALA A 335 8.44 28.70 -38.46
CA ALA A 335 8.32 27.74 -39.55
C ALA A 335 8.77 26.36 -39.09
N GLY A 336 7.93 25.35 -39.31
CA GLY A 336 8.25 23.99 -38.90
C GLY A 336 8.34 23.86 -37.39
N GLY A 337 7.59 24.70 -36.68
CA GLY A 337 7.60 24.69 -35.24
C GLY A 337 7.05 23.41 -34.65
N THR A 338 6.17 22.75 -35.39
CA THR A 338 5.57 21.50 -34.94
C THR A 338 6.62 20.39 -34.88
N PHE A 339 7.45 20.32 -35.91
CA PHE A 339 8.51 19.33 -35.96
C PHE A 339 9.59 19.67 -34.94
N LEU A 340 9.79 20.96 -34.70
CA LEU A 340 10.78 21.42 -33.72
C LEU A 340 10.34 21.01 -32.32
N GLY A 341 9.03 21.09 -32.07
CA GLY A 341 8.48 20.66 -30.81
C GLY A 341 8.67 19.16 -30.64
N PHE A 342 8.52 18.43 -31.73
CA PHE A 342 8.72 16.99 -31.73
C PHE A 342 10.13 16.63 -31.26
N LEU A 343 11.12 17.31 -31.83
CA LEU A 343 12.50 17.09 -31.45
C LEU A 343 12.70 17.35 -29.96
N TRP A 344 12.09 18.42 -29.47
CA TRP A 344 12.19 18.77 -28.06
C TRP A 344 11.68 17.65 -27.14
N PHE A 345 10.50 17.12 -27.44
CA PHE A 345 9.90 16.07 -26.62
C PHE A 345 10.58 14.72 -26.82
N PHE A 346 11.21 14.54 -27.98
CA PHE A 346 11.97 13.33 -28.23
C PHE A 346 13.27 13.40 -27.44
N LEU A 347 13.80 14.60 -27.29
CA LEU A 347 14.99 14.83 -26.49
C LEU A 347 14.71 14.51 -25.03
N LEU A 348 13.61 15.04 -24.52
CA LEU A 348 13.22 14.81 -23.14
C LEU A 348 13.01 13.33 -22.87
N PHE A 349 12.37 12.65 -23.82
CA PHE A 349 12.04 11.23 -23.65
C PHE A 349 13.29 10.37 -23.48
N PHE A 350 14.29 10.59 -24.32
CA PHE A 350 15.53 9.83 -24.21
C PHE A 350 16.27 10.13 -22.92
N ALA A 351 16.36 11.42 -22.58
CA ALA A 351 17.02 11.83 -21.35
C ALA A 351 16.37 11.18 -20.14
N GLY A 352 15.04 11.16 -20.15
CA GLY A 352 14.29 10.54 -19.07
C GLY A 352 14.41 9.03 -19.07
N LEU A 353 14.44 8.44 -20.25
CA LEU A 353 14.52 6.99 -20.39
C LEU A 353 15.84 6.45 -19.84
N THR A 354 16.93 7.18 -20.11
CA THR A 354 18.23 6.78 -19.63
C THR A 354 18.34 6.92 -18.11
N SER A 355 17.47 7.74 -17.53
CA SER A 355 17.47 7.99 -16.10
C SER A 355 16.51 7.06 -15.36
N SER A 356 15.36 6.81 -15.98
CA SER A 356 14.35 5.94 -15.38
C SER A 356 14.88 4.53 -15.18
N ILE A 357 15.65 4.03 -16.16
CA ILE A 357 16.23 2.70 -16.06
C ILE A 357 17.28 2.63 -14.96
N ALA A 358 17.75 3.81 -14.53
CA ALA A 358 18.80 3.88 -13.53
C ALA A 358 18.26 3.86 -12.10
N ILE A 359 17.05 4.39 -11.91
CA ILE A 359 16.44 4.43 -10.58
C ILE A 359 15.57 3.21 -10.31
N MET A 360 15.37 2.38 -11.33
CA MET A 360 14.67 1.12 -11.16
C MET A 360 15.68 -0.01 -10.91
N GLN A 361 16.91 0.22 -11.36
CA GLN A 361 17.97 -0.78 -11.21
C GLN A 361 18.26 -1.15 -9.75
N PRO A 362 18.32 -0.15 -8.86
CA PRO A 362 18.54 -0.45 -7.44
C PRO A 362 17.58 -1.50 -6.93
N MET A 363 16.29 -1.33 -7.23
CA MET A 363 15.28 -2.28 -6.82
C MET A 363 15.56 -3.66 -7.44
N ILE A 364 15.83 -3.67 -8.74
CA ILE A 364 16.12 -4.90 -9.45
C ILE A 364 17.36 -5.60 -8.88
N ALA A 365 18.39 -4.83 -8.58
CA ALA A 365 19.65 -5.36 -8.07
C ALA A 365 19.49 -5.96 -6.69
N PHE A 366 18.60 -5.37 -5.89
CA PHE A 366 18.33 -5.89 -4.55
C PHE A 366 17.66 -7.25 -4.64
N LEU A 367 16.70 -7.38 -5.55
CA LEU A 367 16.00 -8.65 -5.75
C LEU A 367 16.95 -9.74 -6.26
N GLU A 368 17.85 -9.35 -7.15
CA GLU A 368 18.83 -10.30 -7.69
C GLU A 368 19.85 -10.69 -6.64
N ASP A 369 20.45 -9.70 -6.00
CA ASP A 369 21.53 -9.94 -5.04
C ASP A 369 21.08 -10.57 -3.74
N GLU A 370 20.08 -9.96 -3.09
CA GLU A 370 19.71 -10.34 -1.74
C GLU A 370 18.63 -11.43 -1.69
N LEU A 371 17.69 -11.39 -2.63
CA LEU A 371 16.62 -12.39 -2.67
C LEU A 371 16.87 -13.45 -3.73
N LYS A 372 18.01 -13.33 -4.41
CA LYS A 372 18.44 -14.33 -5.38
C LYS A 372 17.40 -14.60 -6.47
N LEU A 373 16.69 -13.55 -6.88
CA LEU A 373 15.75 -13.67 -7.99
C LEU A 373 16.48 -13.54 -9.32
N SER A 374 15.98 -14.22 -10.35
CA SER A 374 16.54 -14.10 -11.68
C SER A 374 16.31 -12.69 -12.21
N ARG A 375 17.09 -12.27 -13.19
CA ARG A 375 16.96 -10.92 -13.73
C ARG A 375 15.56 -10.70 -14.31
N LYS A 376 15.03 -11.72 -14.98
CA LYS A 376 13.70 -11.62 -15.58
C LYS A 376 12.63 -11.29 -14.52
N HIS A 377 12.57 -12.10 -13.48
CA HIS A 377 11.57 -11.93 -12.43
C HIS A 377 11.73 -10.61 -11.68
N ALA A 378 12.97 -10.27 -11.33
CA ALA A 378 13.26 -9.04 -10.62
C ALA A 378 12.76 -7.81 -11.39
N VAL A 379 13.02 -7.79 -12.69
CA VAL A 379 12.59 -6.68 -13.53
C VAL A 379 11.06 -6.63 -13.64
N LEU A 380 10.45 -7.78 -13.90
CA LEU A 380 9.00 -7.86 -14.04
C LEU A 380 8.26 -7.43 -12.78
N TRP A 381 8.76 -7.84 -11.62
CA TRP A 381 8.15 -7.46 -10.36
C TRP A 381 8.35 -5.99 -10.04
N THR A 382 9.56 -5.48 -10.29
CA THR A 382 9.85 -4.07 -10.07
C THR A 382 8.95 -3.21 -10.94
N ALA A 383 8.75 -3.63 -12.19
CA ALA A 383 7.89 -2.91 -13.12
C ALA A 383 6.44 -2.95 -12.62
N ALA A 384 6.03 -4.11 -12.13
CA ALA A 384 4.68 -4.26 -11.59
C ALA A 384 4.43 -3.30 -10.43
N ILE A 385 5.40 -3.24 -9.52
CA ILE A 385 5.31 -2.37 -8.35
C ILE A 385 5.18 -0.90 -8.76
N VAL A 386 6.12 -0.42 -9.56
CA VAL A 386 6.11 0.97 -10.01
C VAL A 386 4.84 1.30 -10.76
N PHE A 387 4.47 0.45 -11.71
CA PHE A 387 3.26 0.66 -12.49
C PHE A 387 2.03 0.80 -11.58
N PHE A 388 1.86 -0.16 -10.68
CA PHE A 388 0.76 -0.12 -9.73
C PHE A 388 0.77 1.16 -8.92
N SER A 389 1.91 1.43 -8.28
CA SER A 389 2.08 2.61 -7.45
C SER A 389 1.86 3.90 -8.24
N ALA A 390 2.15 3.86 -9.54
CA ALA A 390 2.03 5.03 -10.38
C ALA A 390 0.61 5.56 -10.42
N HIS A 391 -0.37 4.67 -10.33
CA HIS A 391 -1.77 5.08 -10.34
C HIS A 391 -1.99 6.20 -9.34
N LEU A 392 -1.28 6.14 -8.22
CA LEU A 392 -1.41 7.15 -7.18
C LEU A 392 -1.07 8.53 -7.70
N VAL A 393 0.00 8.62 -8.50
CA VAL A 393 0.41 9.88 -9.09
C VAL A 393 -0.48 10.27 -10.27
N MET A 394 -1.02 9.26 -10.95
CA MET A 394 -1.86 9.50 -12.12
C MET A 394 -3.20 10.13 -11.75
N PHE A 395 -3.81 9.62 -10.69
CA PHE A 395 -5.18 10.02 -10.34
C PHE A 395 -5.28 10.93 -9.11
N LEU A 396 -4.17 11.13 -8.41
CA LEU A 396 -4.19 12.01 -7.24
C LEU A 396 -3.40 13.29 -7.44
N ASN A 397 -4.11 14.41 -7.47
CA ASN A 397 -3.50 15.73 -7.63
C ASN A 397 -2.56 16.05 -6.45
N LYS A 398 -1.44 16.68 -6.77
CA LYS A 398 -0.47 17.09 -5.75
C LYS A 398 0.30 15.92 -5.16
N SER A 399 -0.09 14.70 -5.53
CA SER A 399 0.62 13.52 -5.06
C SER A 399 2.05 13.52 -5.59
N LEU A 400 2.20 13.87 -6.87
CA LEU A 400 3.52 13.94 -7.49
C LEU A 400 4.45 14.87 -6.73
N ASP A 401 3.98 16.08 -6.44
CA ASP A 401 4.79 17.06 -5.72
C ASP A 401 5.24 16.54 -4.37
N GLU A 402 4.36 15.81 -3.69
CA GLU A 402 4.67 15.27 -2.39
C GLU A 402 5.81 14.25 -2.49
N MET A 403 5.71 13.33 -3.45
CA MET A 403 6.74 12.32 -3.63
C MET A 403 8.08 12.95 -4.01
N ASP A 404 8.03 13.96 -4.88
CA ASP A 404 9.25 14.64 -5.31
C ASP A 404 9.89 15.42 -4.18
N PHE A 405 9.09 15.80 -3.20
CA PHE A 405 9.61 16.54 -2.06
C PHE A 405 10.29 15.62 -1.05
N TRP A 406 9.53 14.69 -0.50
CA TRP A 406 10.05 13.77 0.51
C TRP A 406 11.21 12.92 0.00
N ALA A 407 11.11 12.47 -1.24
CA ALA A 407 12.11 11.57 -1.82
C ALA A 407 13.16 12.31 -2.65
N GLY A 408 12.71 13.07 -3.63
CA GLY A 408 13.60 13.71 -4.58
C GLY A 408 14.25 15.00 -4.10
N THR A 409 13.87 15.46 -2.91
CA THR A 409 14.43 16.69 -2.37
C THR A 409 15.07 16.47 -1.00
N ILE A 410 14.24 16.20 0.01
CA ILE A 410 14.73 15.99 1.36
C ILE A 410 15.49 14.69 1.51
N GLY A 411 14.90 13.61 0.99
CA GLY A 411 15.46 12.27 1.12
C GLY A 411 16.86 12.10 0.56
N VAL A 412 17.11 12.70 -0.59
CA VAL A 412 18.41 12.56 -1.26
C VAL A 412 19.53 13.25 -0.46
N VAL A 413 19.23 14.39 0.13
CA VAL A 413 20.22 15.11 0.93
C VAL A 413 20.52 14.35 2.22
N PHE A 414 19.45 13.94 2.91
CA PHE A 414 19.59 13.15 4.13
C PHE A 414 20.38 11.88 3.86
N PHE A 415 20.03 11.18 2.78
CA PHE A 415 20.71 9.95 2.41
C PHE A 415 22.15 10.23 2.01
N GLY A 416 22.35 11.37 1.35
CA GLY A 416 23.68 11.78 0.94
C GLY A 416 24.58 12.01 2.13
N LEU A 417 24.02 12.60 3.18
CA LEU A 417 24.75 12.83 4.41
C LEU A 417 25.02 11.51 5.14
N THR A 418 24.01 10.65 5.16
CA THR A 418 24.12 9.35 5.82
C THR A 418 25.21 8.48 5.22
N GLU A 419 25.20 8.36 3.90
CA GLU A 419 26.18 7.53 3.21
C GLU A 419 27.59 8.06 3.40
N LEU A 420 27.74 9.39 3.40
CA LEU A 420 29.04 10.01 3.59
C LEU A 420 29.55 9.76 5.01
N ILE A 421 28.67 9.90 5.98
CA ILE A 421 29.02 9.66 7.38
C ILE A 421 29.42 8.20 7.61
N ILE A 422 28.68 7.28 7.01
CA ILE A 422 28.96 5.86 7.14
C ILE A 422 30.27 5.46 6.49
N PHE A 423 30.57 6.06 5.34
CA PHE A 423 31.74 5.67 4.56
C PHE A 423 33.02 6.38 5.01
N PHE A 424 32.93 7.68 5.24
CA PHE A 424 34.13 8.48 5.50
C PHE A 424 34.40 8.72 6.99
N TRP A 425 33.48 8.30 7.84
CA TRP A 425 33.67 8.44 9.29
C TRP A 425 33.73 7.09 10.00
N ILE A 426 32.62 6.35 9.97
CA ILE A 426 32.52 5.06 10.63
C ILE A 426 33.50 4.04 10.05
N PHE A 427 33.42 3.85 8.75
CA PHE A 427 34.28 2.89 8.05
C PHE A 427 35.75 3.31 8.10
N GLY A 428 35.99 4.58 8.38
CA GLY A 428 37.35 5.10 8.44
C GLY A 428 37.66 6.00 7.26
N ALA A 429 38.27 7.16 7.56
CA ALA A 429 38.59 8.14 6.53
C ALA A 429 39.72 7.68 5.61
N ASP A 430 40.77 7.13 6.20
CA ASP A 430 41.93 6.68 5.43
C ASP A 430 41.60 5.45 4.58
N LYS A 431 40.83 4.53 5.16
CA LYS A 431 40.41 3.33 4.45
C LYS A 431 39.49 3.69 3.29
N ALA A 432 38.64 4.69 3.51
CA ALA A 432 37.73 5.17 2.47
C ALA A 432 38.52 5.86 1.36
N TRP A 433 39.45 6.73 1.75
CA TRP A 433 40.28 7.45 0.80
C TRP A 433 41.11 6.50 -0.05
N GLU A 434 41.67 5.47 0.59
CA GLU A 434 42.48 4.48 -0.11
C GLU A 434 41.63 3.60 -1.04
N GLU A 435 40.38 3.39 -0.65
CA GLU A 435 39.45 2.62 -1.47
C GLU A 435 39.00 3.40 -2.70
N ILE A 436 38.88 4.72 -2.54
CA ILE A 436 38.46 5.58 -3.64
C ILE A 436 39.55 5.71 -4.71
N ASN A 437 40.79 5.95 -4.28
CA ASN A 437 41.90 6.14 -5.20
C ASN A 437 42.43 4.85 -5.79
N ARG A 438 42.12 3.72 -5.15
CA ARG A 438 42.61 2.42 -5.60
C ARG A 438 42.20 2.12 -7.04
N GLY A 439 43.20 1.85 -7.88
CA GLY A 439 42.95 1.48 -9.27
C GLY A 439 42.58 2.65 -10.16
N GLY A 440 42.60 3.86 -9.60
CA GLY A 440 42.24 5.06 -10.35
C GLY A 440 43.31 5.48 -11.34
N ILE A 441 42.89 5.70 -12.59
CA ILE A 441 43.79 6.18 -13.63
C ILE A 441 44.45 7.49 -13.21
N ILE A 442 43.67 8.35 -12.56
CA ILE A 442 44.18 9.55 -11.93
C ILE A 442 43.80 9.52 -10.45
N LYS A 443 44.45 10.36 -9.64
CA LYS A 443 44.17 10.39 -8.22
C LYS A 443 43.50 11.67 -7.76
N VAL A 444 42.62 11.54 -6.76
CA VAL A 444 41.89 12.67 -6.21
C VAL A 444 42.83 13.65 -5.52
N PRO A 445 42.73 14.94 -5.88
CA PRO A 445 43.52 15.98 -5.22
C PRO A 445 43.46 15.82 -3.71
N ARG A 446 44.60 15.96 -3.03
CA ARG A 446 44.67 15.76 -1.59
C ARG A 446 43.66 16.59 -0.82
N ILE A 447 43.34 17.77 -1.34
CA ILE A 447 42.43 18.71 -0.66
C ILE A 447 41.03 18.14 -0.47
N TYR A 448 40.57 17.33 -1.42
CA TYR A 448 39.23 16.76 -1.36
C TYR A 448 39.07 15.78 -0.19
N TYR A 449 40.20 15.37 0.40
CA TYR A 449 40.16 14.51 1.58
C TYR A 449 39.54 15.26 2.76
N TYR A 450 39.76 16.58 2.80
CA TYR A 450 39.28 17.42 3.89
C TYR A 450 37.93 18.06 3.53
N VAL A 451 37.59 18.02 2.24
CA VAL A 451 36.28 18.47 1.81
C VAL A 451 35.25 17.41 2.17
N MET A 452 35.62 16.15 1.91
CA MET A 452 34.74 15.03 2.18
C MET A 452 34.56 14.80 3.67
N ARG A 453 35.65 14.85 4.42
CA ARG A 453 35.63 14.52 5.85
C ARG A 453 35.00 15.62 6.69
N TYR A 454 35.20 16.88 6.31
CA TYR A 454 34.77 18.00 7.15
C TYR A 454 33.75 18.93 6.48
N ILE A 455 34.15 19.53 5.37
CA ILE A 455 33.33 20.56 4.73
C ILE A 455 31.96 20.07 4.28
N THR A 456 31.94 18.98 3.51
CA THR A 456 30.69 18.47 2.93
C THR A 456 29.65 18.09 3.97
N PRO A 457 30.01 17.20 4.92
CA PRO A 457 29.02 16.75 5.91
C PRO A 457 28.47 17.91 6.73
N ALA A 458 29.32 18.89 7.05
CA ALA A 458 28.89 20.06 7.80
C ALA A 458 27.89 20.88 6.99
N PHE A 459 28.21 21.10 5.72
CA PHE A 459 27.33 21.86 4.83
C PHE A 459 25.95 21.22 4.73
N LEU A 460 25.94 19.90 4.54
CA LEU A 460 24.69 19.16 4.43
C LEU A 460 23.92 19.16 5.75
N ALA A 461 24.64 18.91 6.85
CA ALA A 461 24.03 18.92 8.17
C ALA A 461 23.32 20.23 8.42
N VAL A 462 24.03 21.33 8.16
CA VAL A 462 23.45 22.67 8.31
C VAL A 462 22.22 22.83 7.44
N LEU A 463 22.31 22.38 6.19
CA LEU A 463 21.20 22.45 5.25
C LEU A 463 19.97 21.73 5.79
N LEU A 464 20.16 20.52 6.27
CA LEU A 464 19.05 19.72 6.81
C LEU A 464 18.40 20.39 8.02
N VAL A 465 19.22 20.91 8.92
CA VAL A 465 18.72 21.61 10.10
C VAL A 465 17.80 22.75 9.68
N VAL A 466 18.30 23.60 8.79
CA VAL A 466 17.54 24.73 8.26
C VAL A 466 16.21 24.29 7.66
N TRP A 467 16.27 23.27 6.81
CA TRP A 467 15.08 22.70 6.20
C TRP A 467 14.08 22.25 7.26
N ALA A 468 14.53 21.35 8.14
CA ALA A 468 13.69 20.80 9.19
C ALA A 468 12.98 21.89 9.98
N ARG A 469 13.69 22.95 10.33
CA ARG A 469 13.13 24.06 11.10
C ARG A 469 11.90 24.67 10.45
N GLU A 470 11.93 24.76 9.11
CA GLU A 470 10.87 25.43 8.36
C GLU A 470 9.71 24.51 8.01
N TYR A 471 9.97 23.21 7.91
CA TYR A 471 8.97 22.26 7.44
C TYR A 471 8.21 21.52 8.55
N ILE A 472 8.82 21.38 9.72
CA ILE A 472 8.18 20.66 10.82
C ILE A 472 6.83 21.25 11.26
N PRO A 473 6.68 22.59 11.22
CA PRO A 473 5.38 23.13 11.60
C PRO A 473 4.35 23.05 10.48
N LYS A 474 4.80 23.24 9.24
CA LYS A 474 3.91 23.24 8.07
C LYS A 474 3.29 21.87 7.80
N ILE A 475 4.06 20.81 8.03
CA ILE A 475 3.62 19.44 7.76
C ILE A 475 2.30 19.10 8.44
N MET A 476 2.23 19.33 9.75
CA MET A 476 1.04 19.01 10.52
C MET A 476 -0.20 19.76 10.05
N GLU A 477 -0.03 21.04 9.72
CA GLU A 477 -1.14 21.84 9.22
C GLU A 477 -1.16 21.92 7.69
N GLU A 478 -1.67 20.85 7.08
CA GLU A 478 -1.85 20.78 5.64
C GLU A 478 -3.24 20.22 5.37
N THR A 479 -4.06 21.01 4.67
CA THR A 479 -5.49 20.72 4.52
C THR A 479 -5.80 19.52 3.62
N HIS A 480 -5.17 19.47 2.44
CA HIS A 480 -5.50 18.46 1.44
C HIS A 480 -5.29 17.04 1.95
N TRP A 481 -6.24 16.17 1.62
CA TRP A 481 -6.17 14.77 2.01
C TRP A 481 -5.29 13.97 1.06
N THR A 482 -5.19 14.45 -0.18
CA THR A 482 -4.39 13.77 -1.20
C THR A 482 -2.96 13.55 -0.70
N VAL A 483 -2.39 14.56 -0.06
CA VAL A 483 -1.02 14.48 0.42
C VAL A 483 -0.89 13.44 1.54
N TRP A 484 -1.89 13.36 2.39
CA TRP A 484 -1.88 12.39 3.48
C TRP A 484 -1.93 10.97 2.93
N ILE A 485 -2.80 10.73 1.95
CA ILE A 485 -2.88 9.44 1.30
C ILE A 485 -1.51 9.06 0.75
N THR A 486 -0.88 10.02 0.08
CA THR A 486 0.44 9.81 -0.50
C THR A 486 1.48 9.45 0.56
N ARG A 487 1.53 10.26 1.62
CA ARG A 487 2.45 10.01 2.72
C ARG A 487 2.22 8.61 3.30
N PHE A 488 0.95 8.30 3.52
CA PHE A 488 0.55 6.99 4.05
C PHE A 488 1.06 5.85 3.18
N TYR A 489 0.91 6.00 1.86
CA TYR A 489 1.28 4.94 0.92
C TYR A 489 2.80 4.77 0.81
N ILE A 490 3.52 5.86 0.65
CA ILE A 490 4.98 5.79 0.55
C ILE A 490 5.59 5.24 1.83
N ILE A 491 4.94 5.53 2.95
CA ILE A 491 5.37 4.97 4.23
C ILE A 491 5.15 3.46 4.21
N GLY A 492 4.05 3.03 3.61
CA GLY A 492 3.78 1.62 3.44
C GLY A 492 4.84 0.96 2.58
N LEU A 493 5.30 1.67 1.56
CA LEU A 493 6.37 1.17 0.71
C LEU A 493 7.64 0.95 1.53
N PHE A 494 7.93 1.89 2.40
CA PHE A 494 9.12 1.81 3.24
C PHE A 494 9.08 0.55 4.12
N LEU A 495 7.94 0.32 4.75
CA LEU A 495 7.76 -0.87 5.57
C LEU A 495 7.93 -2.13 4.71
N PHE A 496 7.28 -2.13 3.55
CA PHE A 496 7.39 -3.25 2.62
C PHE A 496 8.84 -3.58 2.31
N LEU A 497 9.62 -2.56 1.96
CA LEU A 497 11.03 -2.74 1.66
C LEU A 497 11.82 -3.22 2.88
N THR A 498 11.51 -2.65 4.04
CA THR A 498 12.15 -3.07 5.27
C THR A 498 11.84 -4.55 5.55
N PHE A 499 10.64 -4.97 5.19
CA PHE A 499 10.24 -6.36 5.35
C PHE A 499 11.01 -7.26 4.40
N LEU A 500 11.23 -6.80 3.18
CA LEU A 500 12.02 -7.56 2.21
C LEU A 500 13.47 -7.68 2.68
N VAL A 501 14.00 -6.59 3.22
CA VAL A 501 15.34 -6.60 3.78
C VAL A 501 15.44 -7.61 4.92
N PHE A 502 14.35 -7.73 5.67
CA PHE A 502 14.27 -8.70 6.76
C PHE A 502 14.33 -10.12 6.22
N LEU A 503 13.53 -10.39 5.19
CA LEU A 503 13.51 -11.70 4.56
C LEU A 503 14.86 -12.07 3.97
N ALA A 504 15.51 -11.10 3.33
CA ALA A 504 16.82 -11.31 2.74
C ALA A 504 17.86 -11.63 3.81
N GLU A 505 17.69 -11.00 4.98
CA GLU A 505 18.60 -11.21 6.10
C GLU A 505 18.45 -12.62 6.69
N ARG A 506 17.21 -13.11 6.70
CA ARG A 506 16.91 -14.44 7.25
C ARG A 506 17.38 -15.55 6.31
N ARG A 507 17.29 -15.29 5.02
CA ARG A 507 17.73 -16.27 4.01
C ARG A 507 19.22 -16.55 4.15
N ARG A 508 19.99 -15.52 4.46
CA ARG A 508 21.43 -15.67 4.64
C ARG A 508 21.75 -16.67 5.75
N ASN A 509 21.11 -16.50 6.90
CA ASN A 509 21.31 -17.40 8.03
C ASN A 509 20.98 -18.84 7.68
N ARG B 5 5.49 -30.11 13.20
CA ARG B 5 4.39 -29.16 13.22
C ARG B 5 3.78 -29.09 14.62
N GLU B 6 3.27 -27.93 14.99
CA GLU B 6 2.63 -27.76 16.28
C GLU B 6 1.21 -28.32 16.24
N HIS B 7 0.76 -28.87 17.37
CA HIS B 7 -0.55 -29.51 17.42
C HIS B 7 -1.34 -29.09 18.66
N TRP B 8 -2.66 -29.27 18.59
CA TRP B 8 -3.52 -28.99 19.73
C TRP B 8 -3.26 -30.01 20.85
N ALA B 9 -3.19 -29.52 22.08
CA ALA B 9 -2.89 -30.37 23.22
C ALA B 9 -3.99 -31.41 23.46
N THR B 10 -5.20 -30.94 23.73
CA THR B 10 -6.32 -31.83 24.03
C THR B 10 -7.43 -31.68 23.00
N ARG B 11 -8.41 -32.58 23.04
CA ARG B 11 -9.55 -32.51 22.15
C ARG B 11 -10.48 -31.38 22.57
N LEU B 12 -10.61 -31.18 23.88
CA LEU B 12 -11.45 -30.12 24.41
C LEU B 12 -10.96 -28.74 23.98
N GLY B 13 -9.68 -28.47 24.20
CA GLY B 13 -9.08 -27.22 23.79
C GLY B 13 -9.27 -26.95 22.32
N LEU B 14 -9.21 -28.02 21.52
CA LEU B 14 -9.45 -27.92 20.08
C LEU B 14 -10.86 -27.43 19.82
N ILE B 15 -11.84 -28.03 20.50
CA ILE B 15 -13.24 -27.68 20.30
C ILE B 15 -13.51 -26.22 20.70
N LEU B 16 -12.95 -25.81 21.84
CA LEU B 16 -13.15 -24.46 22.34
C LEU B 16 -12.44 -23.41 21.49
N ALA B 17 -11.30 -23.78 20.94
CA ALA B 17 -10.54 -22.88 20.06
C ALA B 17 -11.29 -22.66 18.76
N MET B 18 -11.82 -23.74 18.19
CA MET B 18 -12.66 -23.67 17.00
C MET B 18 -13.94 -22.91 17.30
N ALA B 19 -14.56 -23.22 18.43
CA ALA B 19 -15.77 -22.52 18.85
C ALA B 19 -15.48 -21.04 19.02
N GLY B 20 -14.31 -20.73 19.58
CA GLY B 20 -13.89 -19.35 19.77
C GLY B 20 -13.69 -18.65 18.45
N ASN B 21 -13.26 -19.41 17.44
CA ASN B 21 -13.08 -18.88 16.10
C ASN B 21 -14.40 -18.44 15.49
N ALA B 22 -15.39 -19.32 15.56
CA ALA B 22 -16.70 -19.06 14.98
C ALA B 22 -17.50 -18.05 15.80
N VAL B 23 -17.78 -18.40 17.06
CA VAL B 23 -18.58 -17.54 17.93
C VAL B 23 -17.87 -16.21 18.19
N GLY B 24 -18.41 -15.14 17.62
CA GLY B 24 -17.84 -13.82 17.79
C GLY B 24 -18.82 -12.68 17.57
N LEU B 25 -18.29 -11.56 17.10
CA LEU B 25 -19.09 -10.36 16.88
C LEU B 25 -20.26 -10.63 15.93
N GLY B 26 -20.10 -11.60 15.05
CA GLY B 26 -21.14 -11.94 14.10
C GLY B 26 -22.39 -12.49 14.76
N ASN B 27 -22.24 -13.05 15.96
CA ASN B 27 -23.35 -13.67 16.66
C ASN B 27 -24.20 -12.65 17.41
N PHE B 28 -23.55 -11.68 18.02
CA PHE B 28 -24.22 -10.72 18.89
C PHE B 28 -24.49 -9.37 18.21
N LEU B 29 -23.91 -9.18 17.02
CA LEU B 29 -24.10 -7.93 16.30
C LEU B 29 -24.70 -8.16 14.91
N ARG B 30 -24.00 -8.93 14.09
CA ARG B 30 -24.43 -9.13 12.71
C ARG B 30 -25.76 -9.88 12.62
N PHE B 31 -25.84 -11.01 13.33
CA PHE B 31 -27.04 -11.85 13.27
C PHE B 31 -28.32 -11.09 13.65
N PRO B 32 -28.33 -10.46 14.84
CA PRO B 32 -29.56 -9.75 15.25
C PRO B 32 -30.03 -8.77 14.17
N VAL B 33 -29.08 -8.02 13.60
CA VAL B 33 -29.42 -7.07 12.55
C VAL B 33 -30.00 -7.79 11.33
N GLN B 34 -29.33 -8.85 10.90
CA GLN B 34 -29.75 -9.60 9.72
C GLN B 34 -31.14 -10.22 9.89
N ALA B 35 -31.38 -10.83 11.05
CA ALA B 35 -32.66 -11.46 11.32
C ALA B 35 -33.80 -10.45 11.41
N ALA B 36 -33.48 -9.27 11.93
CA ALA B 36 -34.49 -8.22 12.13
C ALA B 36 -34.88 -7.56 10.81
N GLU B 37 -33.89 -7.35 9.95
CA GLU B 37 -34.13 -6.74 8.64
C GLU B 37 -34.92 -7.66 7.72
N ASN B 38 -34.83 -8.96 7.94
CA ASN B 38 -35.48 -9.93 7.07
C ASN B 38 -36.77 -10.55 7.63
N GLY B 39 -37.34 -9.90 8.64
CA GLY B 39 -38.65 -10.29 9.14
C GLY B 39 -38.68 -11.34 10.22
N GLY B 40 -37.61 -11.41 11.01
CA GLY B 40 -37.56 -12.34 12.14
C GLY B 40 -37.64 -13.81 11.74
N GLY B 41 -38.73 -14.46 12.12
CA GLY B 41 -38.92 -15.87 11.85
C GLY B 41 -38.79 -16.23 10.39
N ALA B 42 -39.16 -15.29 9.52
CA ALA B 42 -39.05 -15.49 8.08
C ALA B 42 -37.61 -15.74 7.66
N PHE B 43 -36.68 -15.17 8.42
CA PHE B 43 -35.26 -15.30 8.14
C PHE B 43 -34.71 -16.63 8.67
N MET B 44 -35.41 -17.20 9.64
CA MET B 44 -34.94 -18.41 10.32
C MET B 44 -34.99 -19.66 9.44
N ILE B 45 -35.98 -19.73 8.56
CA ILE B 45 -36.13 -20.90 7.68
C ILE B 45 -34.98 -21.01 6.67
N PRO B 46 -34.70 -19.93 5.92
CA PRO B 46 -33.57 -19.94 4.99
C PRO B 46 -32.25 -20.11 5.73
N TYR B 47 -32.18 -19.55 6.93
CA TYR B 47 -30.97 -19.62 7.75
C TYR B 47 -30.62 -21.05 8.13
N ILE B 48 -31.62 -21.79 8.61
CA ILE B 48 -31.43 -23.19 8.99
C ILE B 48 -31.05 -24.04 7.79
N ILE B 49 -31.76 -23.83 6.69
CA ILE B 49 -31.48 -24.54 5.44
C ILE B 49 -30.05 -24.28 4.97
N ALA B 50 -29.66 -23.01 4.97
CA ALA B 50 -28.31 -22.63 4.57
C ALA B 50 -27.27 -23.27 5.48
N PHE B 51 -27.64 -23.48 6.74
CA PHE B 51 -26.75 -24.09 7.71
C PHE B 51 -26.56 -25.57 7.42
N LEU B 52 -27.59 -26.22 6.90
CA LEU B 52 -27.55 -27.64 6.61
C LEU B 52 -26.86 -27.93 5.27
N LEU B 53 -27.16 -27.10 4.28
CA LEU B 53 -26.71 -27.35 2.91
C LEU B 53 -25.40 -26.64 2.56
N VAL B 54 -24.99 -25.70 3.41
CA VAL B 54 -23.78 -24.93 3.13
C VAL B 54 -22.80 -24.94 4.31
N GLY B 55 -23.26 -24.46 5.46
CA GLY B 55 -22.42 -24.36 6.64
C GLY B 55 -21.73 -25.65 7.02
N ILE B 56 -22.52 -26.69 7.25
CA ILE B 56 -21.99 -27.97 7.71
C ILE B 56 -21.03 -28.63 6.71
N PRO B 57 -21.46 -28.76 5.43
CA PRO B 57 -20.58 -29.40 4.45
C PRO B 57 -19.26 -28.66 4.26
N LEU B 58 -19.32 -27.33 4.14
CA LEU B 58 -18.10 -26.53 3.99
C LEU B 58 -17.22 -26.60 5.22
N MET B 59 -17.83 -26.61 6.41
CA MET B 59 -17.10 -26.74 7.65
C MET B 59 -16.23 -27.98 7.60
N TRP B 60 -16.87 -29.13 7.37
CA TRP B 60 -16.17 -30.40 7.24
C TRP B 60 -15.11 -30.36 6.14
N ILE B 61 -15.44 -29.73 5.02
CA ILE B 61 -14.51 -29.61 3.92
C ILE B 61 -13.25 -28.84 4.32
N GLU B 62 -13.44 -27.75 5.06
CA GLU B 62 -12.31 -26.94 5.51
C GLU B 62 -11.46 -27.66 6.54
N TRP B 63 -12.12 -28.37 7.46
CA TRP B 63 -11.41 -29.19 8.44
C TRP B 63 -10.51 -30.20 7.74
N ALA B 64 -11.10 -30.96 6.82
CA ALA B 64 -10.36 -31.99 6.08
C ALA B 64 -9.16 -31.40 5.35
N MET B 65 -9.40 -30.36 4.56
CA MET B 65 -8.34 -29.69 3.82
C MET B 65 -7.25 -29.19 4.75
N GLY B 66 -7.68 -28.69 5.92
CA GLY B 66 -6.75 -28.18 6.91
C GLY B 66 -5.84 -29.26 7.46
N ARG B 67 -6.43 -30.34 7.93
CA ARG B 67 -5.67 -31.45 8.48
C ARG B 67 -4.79 -32.13 7.43
N TYR B 68 -5.34 -32.27 6.22
CA TYR B 68 -4.61 -32.86 5.11
C TYR B 68 -3.32 -32.09 4.82
N GLY B 69 -3.44 -30.77 4.69
CA GLY B 69 -2.28 -29.93 4.46
C GLY B 69 -1.38 -29.84 5.67
N GLY B 70 -1.98 -29.84 6.86
CA GLY B 70 -1.24 -29.76 8.10
C GLY B 70 -0.34 -30.96 8.31
N ALA B 71 -0.76 -32.10 7.79
CA ALA B 71 0.03 -33.32 7.88
C ALA B 71 1.33 -33.20 7.11
N GLN B 72 1.33 -32.32 6.10
CA GLN B 72 2.49 -32.12 5.25
C GLN B 72 3.22 -30.82 5.60
N GLY B 73 2.72 -30.13 6.62
CA GLY B 73 3.37 -28.92 7.10
C GLY B 73 2.90 -27.64 6.44
N HIS B 74 1.69 -27.65 5.88
CA HIS B 74 1.14 -26.46 5.23
C HIS B 74 -0.24 -26.13 5.79
N GLY B 75 -0.37 -24.95 6.37
CA GLY B 75 -1.61 -24.54 7.00
C GLY B 75 -2.40 -23.51 6.23
N THR B 76 -1.81 -22.99 5.16
CA THR B 76 -2.47 -21.97 4.36
C THR B 76 -2.83 -22.49 2.96
N THR B 77 -3.85 -21.88 2.35
CA THR B 77 -4.38 -22.33 1.07
C THR B 77 -3.42 -22.24 -0.13
N PRO B 78 -2.54 -21.22 -0.15
CA PRO B 78 -1.59 -21.16 -1.26
C PRO B 78 -0.88 -22.49 -1.47
N ALA B 79 -0.49 -23.13 -0.37
CA ALA B 79 0.23 -24.40 -0.44
C ALA B 79 -0.73 -25.59 -0.56
N ILE B 80 -1.83 -25.54 0.17
CA ILE B 80 -2.81 -26.63 0.18
C ILE B 80 -3.53 -26.77 -1.17
N PHE B 81 -3.87 -25.64 -1.78
CA PHE B 81 -4.51 -25.66 -3.10
C PHE B 81 -3.60 -26.32 -4.13
N TYR B 82 -2.29 -26.22 -3.91
CA TYR B 82 -1.31 -26.80 -4.82
C TYR B 82 -1.15 -28.29 -4.58
N LEU B 83 -1.29 -28.71 -3.33
CA LEU B 83 -1.21 -30.12 -2.98
C LEU B 83 -2.41 -30.89 -3.56
N LEU B 84 -3.57 -30.26 -3.52
CA LEU B 84 -4.80 -30.86 -4.03
C LEU B 84 -4.86 -30.76 -5.55
N TRP B 85 -4.26 -29.70 -6.09
CA TRP B 85 -4.24 -29.47 -7.53
C TRP B 85 -2.91 -28.85 -7.97
N ARG B 86 -2.22 -29.51 -8.88
CA ARG B 86 -0.92 -29.04 -9.36
C ARG B 86 -1.07 -27.98 -10.45
N ASN B 87 -0.85 -26.73 -10.07
CA ASN B 87 -0.98 -25.61 -11.01
C ASN B 87 -0.55 -24.30 -10.36
N ARG B 88 0.01 -23.39 -11.16
CA ARG B 88 0.40 -22.07 -10.67
C ARG B 88 -0.84 -21.28 -10.29
N PHE B 89 -1.91 -21.47 -11.06
CA PHE B 89 -3.17 -20.77 -10.83
C PHE B 89 -3.80 -21.22 -9.51
N ALA B 90 -3.47 -22.44 -9.09
CA ALA B 90 -3.97 -22.96 -7.82
C ALA B 90 -3.36 -22.18 -6.65
N LYS B 91 -2.12 -21.73 -6.81
CA LYS B 91 -1.46 -20.93 -5.80
C LYS B 91 -2.04 -19.52 -5.77
N ILE B 92 -2.30 -18.97 -6.95
CA ILE B 92 -2.86 -17.62 -7.08
C ILE B 92 -4.23 -17.54 -6.43
N LEU B 93 -5.06 -18.56 -6.66
CA LEU B 93 -6.36 -18.65 -6.02
C LEU B 93 -6.19 -18.80 -4.52
N GLY B 94 -5.12 -19.48 -4.12
CA GLY B 94 -4.84 -19.70 -2.72
C GLY B 94 -4.48 -18.42 -1.98
N VAL B 95 -4.09 -17.40 -2.74
CA VAL B 95 -3.73 -16.11 -2.15
C VAL B 95 -4.91 -15.52 -1.38
N PHE B 96 -6.12 -15.81 -1.83
CA PHE B 96 -7.34 -15.33 -1.16
C PHE B 96 -7.45 -15.87 0.27
N GLY B 97 -6.90 -17.06 0.49
CA GLY B 97 -6.89 -17.66 1.81
C GLY B 97 -6.06 -16.86 2.79
N LEU B 98 -5.33 -15.88 2.27
CA LEU B 98 -4.54 -14.98 3.08
C LEU B 98 -5.11 -13.57 3.00
N TRP B 99 -5.46 -13.17 1.78
CA TRP B 99 -5.99 -11.84 1.53
C TRP B 99 -7.27 -11.60 2.34
N ILE B 100 -8.23 -12.51 2.22
CA ILE B 100 -9.51 -12.36 2.91
C ILE B 100 -9.36 -12.20 4.43
N PRO B 101 -8.70 -13.16 5.10
CA PRO B 101 -8.58 -13.07 6.56
C PRO B 101 -7.78 -11.84 7.01
N LEU B 102 -6.82 -11.42 6.19
CA LEU B 102 -6.03 -10.24 6.53
C LEU B 102 -6.86 -8.97 6.41
N VAL B 103 -7.56 -8.82 5.28
CA VAL B 103 -8.42 -7.67 5.06
C VAL B 103 -9.47 -7.59 6.15
N VAL B 104 -10.19 -8.70 6.36
CA VAL B 104 -11.21 -8.76 7.39
C VAL B 104 -10.63 -8.37 8.74
N ALA B 105 -9.45 -8.91 9.06
CA ALA B 105 -8.79 -8.64 10.32
C ALA B 105 -8.54 -7.14 10.53
N ILE B 106 -8.20 -6.45 9.44
CA ILE B 106 -7.86 -5.03 9.52
C ILE B 106 -8.96 -4.20 10.19
N TYR B 107 -10.21 -4.45 9.84
CA TYR B 107 -11.32 -3.69 10.41
C TYR B 107 -11.95 -4.43 11.59
N TYR B 108 -11.87 -5.75 11.59
CA TYR B 108 -12.47 -6.56 12.65
C TYR B 108 -11.82 -6.24 14.00
N VAL B 109 -10.50 -6.16 14.00
CA VAL B 109 -9.75 -5.86 15.21
C VAL B 109 -10.04 -4.46 15.72
N TYR B 110 -10.34 -3.54 14.81
CA TYR B 110 -10.70 -2.18 15.18
C TYR B 110 -12.05 -2.16 15.88
N ILE B 111 -13.02 -2.84 15.30
CA ILE B 111 -14.33 -2.96 15.91
C ILE B 111 -14.19 -3.59 17.29
N GLU B 112 -13.29 -4.55 17.40
CA GLU B 112 -13.02 -5.20 18.66
C GLU B 112 -12.51 -4.21 19.69
N SER B 113 -11.59 -3.35 19.28
CA SER B 113 -11.02 -2.35 20.17
C SER B 113 -12.10 -1.39 20.66
N TRP B 114 -13.16 -1.26 19.89
CA TRP B 114 -14.31 -0.44 20.29
C TRP B 114 -14.94 -1.02 21.54
N THR B 115 -15.34 -2.29 21.47
CA THR B 115 -16.01 -2.95 22.58
C THR B 115 -15.15 -2.92 23.84
N LEU B 116 -13.84 -2.94 23.65
CA LEU B 116 -12.92 -2.85 24.77
C LEU B 116 -12.95 -1.46 25.37
N GLY B 117 -12.89 -0.45 24.50
CA GLY B 117 -12.95 0.93 24.94
C GLY B 117 -14.25 1.23 25.66
N PHE B 118 -15.35 0.70 25.13
CA PHE B 118 -16.66 0.85 25.75
C PHE B 118 -16.72 0.09 27.06
N ALA B 119 -16.23 -1.15 27.04
CA ALA B 119 -16.18 -1.96 28.24
C ALA B 119 -15.46 -1.21 29.35
N ILE B 120 -14.33 -0.61 29.02
CA ILE B 120 -13.54 0.15 30.00
C ILE B 120 -14.33 1.35 30.53
N LYS B 121 -14.90 2.13 29.62
CA LYS B 121 -15.61 3.35 29.99
C LYS B 121 -16.87 3.05 30.81
N PHE B 122 -17.56 1.97 30.47
CA PHE B 122 -18.77 1.58 31.20
C PHE B 122 -18.44 1.02 32.58
N LEU B 123 -17.27 0.40 32.69
CA LEU B 123 -16.82 -0.13 33.97
C LEU B 123 -16.49 1.02 34.92
N VAL B 124 -15.73 1.99 34.42
CA VAL B 124 -15.33 3.14 35.21
C VAL B 124 -16.53 4.06 35.48
N GLY B 125 -17.56 3.94 34.65
CA GLY B 125 -18.78 4.70 34.85
C GLY B 125 -18.83 6.02 34.09
N LEU B 126 -17.96 6.14 33.09
CA LEU B 126 -17.93 7.33 32.25
C LEU B 126 -18.81 7.14 31.02
N VAL B 127 -20.09 7.43 31.17
CA VAL B 127 -21.06 7.27 30.09
C VAL B 127 -22.06 8.42 30.09
N PRO B 128 -22.72 8.65 28.95
CA PRO B 128 -23.77 9.68 28.90
C PRO B 128 -24.90 9.36 29.87
N GLU B 129 -25.55 10.39 30.38
CA GLU B 129 -26.59 10.22 31.39
C GLU B 129 -27.93 10.78 30.92
N PRO B 130 -28.84 9.89 30.48
CA PRO B 130 -30.19 10.27 30.03
C PRO B 130 -31.09 10.57 31.23
N PRO B 131 -32.14 11.40 31.02
CA PRO B 131 -33.10 11.77 32.07
C PRO B 131 -33.64 10.55 32.81
N THR B 135 -38.48 10.55 28.94
CA THR B 135 -39.38 9.53 28.43
C THR B 135 -39.48 9.59 26.92
N ASP B 136 -38.74 10.52 26.32
CA ASP B 136 -38.69 10.65 24.87
C ASP B 136 -37.56 9.80 24.30
N PRO B 137 -37.90 8.86 23.41
CA PRO B 137 -36.92 7.92 22.85
C PRO B 137 -35.67 8.61 22.30
N ASP B 138 -35.85 9.70 21.57
CA ASP B 138 -34.72 10.42 20.99
C ASP B 138 -33.82 11.06 22.03
N SER B 139 -34.41 11.53 23.13
CA SER B 139 -33.64 12.16 24.20
C SER B 139 -32.84 11.13 25.01
N ILE B 140 -33.21 9.86 24.86
CA ILE B 140 -32.50 8.78 25.53
C ILE B 140 -31.40 8.22 24.63
N LEU B 141 -31.70 8.13 23.34
CA LEU B 141 -30.76 7.56 22.38
C LEU B 141 -29.67 8.56 21.96
N ARG B 142 -30.07 9.82 21.79
CA ARG B 142 -29.15 10.85 21.32
C ARG B 142 -27.83 10.90 22.09
N PRO B 143 -27.89 10.91 23.43
CA PRO B 143 -26.65 10.97 24.22
C PRO B 143 -25.68 9.86 23.87
N PHE B 144 -26.21 8.66 23.60
CA PHE B 144 -25.37 7.51 23.28
C PHE B 144 -24.89 7.54 21.83
N LYS B 145 -25.70 8.11 20.94
CA LYS B 145 -25.29 8.31 19.57
C LYS B 145 -24.13 9.30 19.51
N GLU B 146 -24.26 10.38 20.28
CA GLU B 146 -23.21 11.37 20.39
C GLU B 146 -21.97 10.77 21.04
N PHE B 147 -22.19 9.79 21.92
CA PHE B 147 -21.10 9.12 22.61
C PHE B 147 -20.26 8.31 21.64
N LEU B 148 -20.91 7.46 20.85
CA LEU B 148 -20.24 6.66 19.85
C LEU B 148 -19.54 7.53 18.82
N TYR B 149 -20.24 8.54 18.31
CA TYR B 149 -19.69 9.44 17.30
C TYR B 149 -18.47 10.22 17.81
N SER B 150 -18.45 10.48 19.12
CA SER B 150 -17.32 11.16 19.72
C SER B 150 -16.13 10.22 19.86
N TYR B 151 -16.44 8.93 19.98
CA TYR B 151 -15.41 7.91 20.15
C TYR B 151 -14.66 7.67 18.84
N ILE B 152 -15.37 7.24 17.81
CA ILE B 152 -14.75 6.91 16.53
C ILE B 152 -14.56 8.12 15.63
N GLY B 153 -15.12 9.26 16.05
CA GLY B 153 -14.96 10.51 15.31
C GLY B 153 -15.80 10.59 14.05
N VAL B 154 -17.11 10.41 14.19
CA VAL B 154 -18.02 10.51 13.06
C VAL B 154 -18.28 11.97 12.68
N PRO B 155 -18.26 12.26 11.36
CA PRO B 155 -18.50 13.61 10.85
C PRO B 155 -19.98 14.00 10.90
N LYS B 156 -20.25 15.29 11.03
CA LYS B 156 -21.62 15.80 11.10
C LYS B 156 -22.42 15.39 9.87
N GLY B 157 -22.10 16.00 8.73
CA GLY B 157 -22.70 15.62 7.46
C GLY B 157 -22.11 14.29 7.01
N ASP B 158 -22.05 14.07 5.70
CA ASP B 158 -21.39 12.87 5.18
C ASP B 158 -20.01 13.23 4.65
N GLU B 159 -19.10 13.52 5.57
CA GLU B 159 -17.73 13.88 5.21
C GLU B 159 -16.79 12.68 5.28
N PRO B 160 -15.84 12.62 4.33
CA PRO B 160 -14.97 11.46 4.11
C PRO B 160 -14.00 11.17 5.25
N ILE B 161 -13.65 12.20 6.04
CA ILE B 161 -12.62 12.03 7.05
C ILE B 161 -13.19 11.73 8.45
N LEU B 162 -12.58 10.77 9.13
CA LEU B 162 -12.93 10.45 10.51
C LEU B 162 -11.89 11.03 11.46
N LYS B 163 -12.31 11.31 12.69
CA LYS B 163 -11.39 11.85 13.69
C LYS B 163 -11.50 11.11 15.02
N PRO B 164 -10.90 9.91 15.08
CA PRO B 164 -10.94 9.07 16.28
C PRO B 164 -10.30 9.77 17.47
N SER B 165 -10.96 9.69 18.63
CA SER B 165 -10.43 10.28 19.85
C SER B 165 -9.14 9.57 20.25
N LEU B 166 -8.24 10.30 20.91
CA LEU B 166 -6.98 9.74 21.34
C LEU B 166 -7.20 8.41 22.07
N PHE B 167 -8.25 8.36 22.88
CA PHE B 167 -8.56 7.16 23.67
C PHE B 167 -8.82 5.93 22.79
N ALA B 168 -9.66 6.11 21.78
CA ALA B 168 -9.98 5.00 20.88
C ALA B 168 -8.72 4.45 20.22
N TYR B 169 -7.80 5.36 19.87
CA TYR B 169 -6.54 5.00 19.25
C TYR B 169 -5.68 4.19 20.22
N ILE B 170 -5.53 4.69 21.44
CA ILE B 170 -4.75 4.00 22.45
C ILE B 170 -5.34 2.63 22.77
N VAL B 171 -6.67 2.56 22.81
CA VAL B 171 -7.36 1.30 23.06
C VAL B 171 -7.12 0.31 21.94
N PHE B 172 -6.99 0.81 20.72
CA PHE B 172 -6.71 -0.04 19.57
C PHE B 172 -5.31 -0.64 19.68
N LEU B 173 -4.35 0.19 20.06
CA LEU B 173 -3.00 -0.27 20.31
C LEU B 173 -3.03 -1.41 21.33
N ILE B 174 -3.73 -1.17 22.44
CA ILE B 174 -3.86 -2.16 23.49
C ILE B 174 -4.49 -3.45 22.97
N THR B 175 -5.55 -3.32 22.18
CA THR B 175 -6.21 -4.46 21.58
C THR B 175 -5.22 -5.29 20.77
N MET B 176 -4.43 -4.59 19.95
CA MET B 176 -3.39 -5.24 19.16
C MET B 176 -2.41 -5.98 20.08
N PHE B 177 -2.00 -5.32 21.15
CA PHE B 177 -1.08 -5.91 22.11
C PHE B 177 -1.65 -7.20 22.70
N ILE B 178 -2.93 -7.18 23.06
CA ILE B 178 -3.58 -8.35 23.61
C ILE B 178 -3.61 -9.48 22.58
N ASN B 179 -3.98 -9.15 21.34
CA ASN B 179 -3.97 -10.12 20.27
C ASN B 179 -2.60 -10.76 20.06
N VAL B 180 -1.56 -9.94 20.21
CA VAL B 180 -0.19 -10.40 20.04
C VAL B 180 0.26 -11.33 21.18
N SER B 181 -0.01 -10.91 22.41
CA SER B 181 0.42 -11.66 23.58
C SER B 181 -0.17 -13.07 23.59
N ILE B 182 -1.34 -13.23 22.99
CA ILE B 182 -1.98 -14.54 22.89
C ILE B 182 -1.40 -15.35 21.75
N LEU B 183 -1.28 -14.72 20.59
CA LEU B 183 -0.81 -15.38 19.37
C LEU B 183 0.66 -15.79 19.45
N ILE B 184 1.46 -14.99 20.15
CA ILE B 184 2.90 -15.21 20.21
C ILE B 184 3.28 -16.44 21.03
N ARG B 185 2.34 -16.95 21.82
CA ARG B 185 2.60 -18.12 22.64
C ARG B 185 2.33 -19.43 21.91
N GLY B 186 1.81 -19.34 20.69
CA GLY B 186 1.60 -20.51 19.86
C GLY B 186 0.18 -21.04 19.88
N ILE B 187 -0.01 -22.22 19.29
CA ILE B 187 -1.32 -22.81 19.16
C ILE B 187 -1.86 -23.37 20.48
N SER B 188 -1.06 -24.22 21.13
CA SER B 188 -1.49 -24.91 22.35
C SER B 188 -1.37 -24.05 23.60
N LYS B 189 -0.28 -23.30 23.70
CA LYS B 189 -0.02 -22.48 24.89
C LYS B 189 -0.73 -21.13 24.83
N GLY B 190 -0.89 -20.60 23.63
CA GLY B 190 -1.46 -19.28 23.46
C GLY B 190 -2.96 -19.27 23.24
N ILE B 191 -3.39 -19.82 22.10
CA ILE B 191 -4.80 -19.81 21.73
C ILE B 191 -5.64 -20.78 22.55
N GLU B 192 -5.14 -22.01 22.70
CA GLU B 192 -5.87 -23.05 23.42
C GLU B 192 -6.09 -22.67 24.88
N ARG B 193 -5.01 -22.29 25.56
CA ARG B 193 -5.10 -21.86 26.95
C ARG B 193 -6.19 -20.80 27.12
N PHE B 194 -6.15 -19.79 26.28
CA PHE B 194 -7.09 -18.67 26.36
C PHE B 194 -8.52 -19.10 26.00
N ALA B 195 -8.63 -20.08 25.11
CA ALA B 195 -9.92 -20.58 24.69
C ALA B 195 -10.66 -21.26 25.84
N LYS B 196 -9.93 -22.04 26.63
CA LYS B 196 -10.50 -22.74 27.77
C LYS B 196 -11.03 -21.79 28.84
N ILE B 197 -10.60 -20.54 28.78
CA ILE B 197 -11.05 -19.52 29.72
C ILE B 197 -12.11 -18.63 29.09
N ALA B 198 -11.74 -18.00 27.98
CA ALA B 198 -12.59 -17.03 27.31
C ALA B 198 -13.98 -17.59 27.01
N MET B 199 -14.03 -18.81 26.48
CA MET B 199 -15.30 -19.41 26.08
C MET B 199 -16.27 -19.63 27.24
N PRO B 200 -15.85 -20.36 28.27
CA PRO B 200 -16.75 -20.55 29.42
C PRO B 200 -17.23 -19.21 29.97
N THR B 201 -16.31 -18.26 30.11
CA THR B 201 -16.65 -16.91 30.55
C THR B 201 -17.68 -16.29 29.61
N LEU B 202 -17.43 -16.42 28.32
CA LEU B 202 -18.32 -15.89 27.29
C LEU B 202 -19.73 -16.47 27.44
N PHE B 203 -19.82 -17.78 27.58
CA PHE B 203 -21.12 -18.44 27.72
C PHE B 203 -21.85 -17.99 28.97
N ILE B 204 -21.13 -17.87 30.08
CA ILE B 204 -21.72 -17.42 31.34
C ILE B 204 -22.32 -16.02 31.21
N LEU B 205 -21.52 -15.08 30.71
CA LEU B 205 -21.96 -13.71 30.51
C LEU B 205 -23.19 -13.65 29.60
N ALA B 206 -23.13 -14.42 28.52
CA ALA B 206 -24.24 -14.47 27.56
C ALA B 206 -25.53 -14.94 28.22
N VAL B 207 -25.45 -16.05 28.94
CA VAL B 207 -26.61 -16.59 29.63
C VAL B 207 -27.19 -15.58 30.62
N PHE B 208 -26.32 -14.96 31.39
CA PHE B 208 -26.74 -13.96 32.37
C PHE B 208 -27.46 -12.80 31.69
N LEU B 209 -26.89 -12.30 30.60
CA LEU B 209 -27.49 -11.20 29.85
C LEU B 209 -28.84 -11.60 29.26
N VAL B 210 -28.93 -12.81 28.72
CA VAL B 210 -30.16 -13.31 28.15
C VAL B 210 -31.28 -13.35 29.19
N ILE B 211 -30.95 -13.81 30.39
CA ILE B 211 -31.92 -13.87 31.48
C ILE B 211 -32.36 -12.48 31.91
N ARG B 212 -31.38 -11.61 32.17
CA ARG B 212 -31.67 -10.24 32.58
C ARG B 212 -32.53 -9.52 31.55
N VAL B 213 -32.21 -9.72 30.27
CA VAL B 213 -32.96 -9.09 29.18
C VAL B 213 -34.38 -9.65 29.09
N PHE B 214 -34.52 -10.95 29.36
CA PHE B 214 -35.82 -11.60 29.30
C PHE B 214 -36.77 -11.08 30.38
N LEU B 215 -36.20 -10.47 31.42
CA LEU B 215 -36.97 -9.94 32.53
C LEU B 215 -37.49 -8.53 32.25
N LEU B 216 -37.08 -7.97 31.12
CA LEU B 216 -37.48 -6.61 30.74
C LEU B 216 -38.90 -6.55 30.18
N GLU B 217 -39.77 -5.81 30.87
CA GLU B 217 -41.16 -5.65 30.44
C GLU B 217 -41.63 -4.22 30.69
N THR B 218 -42.17 -3.59 29.65
CA THR B 218 -42.63 -2.20 29.74
C THR B 218 -43.99 -2.05 29.06
N PRO B 219 -44.64 -0.89 29.25
CA PRO B 219 -45.92 -0.61 28.59
C PRO B 219 -45.81 -0.65 27.06
N ASN B 220 -44.59 -0.59 26.54
CA ASN B 220 -44.38 -0.60 25.09
C ASN B 220 -44.18 -2.01 24.52
N GLY B 221 -43.98 -2.97 25.42
CA GLY B 221 -43.79 -4.36 25.01
C GLY B 221 -42.97 -5.15 26.01
N THR B 222 -42.57 -6.36 25.61
CA THR B 222 -41.76 -7.23 26.46
C THR B 222 -40.68 -7.94 25.64
N ALA B 223 -39.75 -8.58 26.33
CA ALA B 223 -38.70 -9.35 25.65
C ALA B 223 -39.30 -10.60 25.01
N ALA B 224 -40.43 -11.03 25.55
CA ALA B 224 -41.15 -12.18 25.02
C ALA B 224 -41.72 -11.89 23.64
N ASP B 225 -42.11 -10.64 23.41
CA ASP B 225 -42.64 -10.23 22.11
C ASP B 225 -41.55 -10.29 21.04
N GLY B 226 -40.32 -10.03 21.44
CA GLY B 226 -39.19 -10.09 20.54
C GLY B 226 -38.82 -11.51 20.19
N LEU B 227 -38.84 -12.40 21.19
CA LEU B 227 -38.58 -13.82 20.97
C LEU B 227 -39.65 -14.42 20.08
N ASN B 228 -40.89 -13.99 20.28
CA ASN B 228 -42.01 -14.42 19.44
C ASN B 228 -41.80 -13.94 18.01
N PHE B 229 -41.44 -12.67 17.85
CA PHE B 229 -41.18 -12.10 16.54
C PHE B 229 -40.07 -12.83 15.79
N LEU B 230 -39.00 -13.17 16.50
CA LEU B 230 -37.85 -13.83 15.89
C LEU B 230 -38.12 -15.29 15.55
N TRP B 231 -39.02 -15.92 16.30
CA TRP B 231 -39.28 -17.35 16.15
C TRP B 231 -40.64 -17.66 15.52
N THR B 232 -41.39 -16.61 15.17
CA THR B 232 -42.68 -16.80 14.51
C THR B 232 -42.51 -16.83 12.99
N PRO B 233 -42.70 -18.03 12.40
CA PRO B 233 -42.52 -18.26 10.97
C PRO B 233 -43.38 -17.35 10.10
N ASP B 234 -42.81 -16.96 8.96
CA ASP B 234 -43.52 -16.16 7.96
C ASP B 234 -43.13 -16.68 6.58
N PHE B 235 -44.11 -17.23 5.86
CA PHE B 235 -43.85 -17.89 4.59
C PHE B 235 -44.00 -16.95 3.38
N GLU B 236 -44.32 -15.68 3.65
CA GLU B 236 -44.50 -14.70 2.58
C GLU B 236 -43.16 -14.17 2.08
N LYS B 237 -42.11 -14.36 2.87
CA LYS B 237 -40.78 -13.87 2.54
C LYS B 237 -39.90 -14.94 1.92
N LEU B 238 -40.47 -16.13 1.72
CA LEU B 238 -39.72 -17.24 1.13
C LEU B 238 -39.49 -17.05 -0.37
N LYS B 239 -40.18 -16.05 -0.94
CA LYS B 239 -40.08 -15.77 -2.37
C LYS B 239 -39.10 -14.62 -2.63
N ASP B 240 -38.59 -14.04 -1.55
CA ASP B 240 -37.65 -12.93 -1.66
C ASP B 240 -36.23 -13.47 -1.64
N PRO B 241 -35.52 -13.37 -2.77
CA PRO B 241 -34.13 -13.85 -2.89
C PRO B 241 -33.21 -13.20 -1.87
N GLY B 242 -33.42 -11.91 -1.61
CA GLY B 242 -32.59 -11.18 -0.66
C GLY B 242 -32.47 -11.85 0.69
N VAL B 243 -33.56 -12.45 1.15
CA VAL B 243 -33.58 -13.16 2.43
C VAL B 243 -32.66 -14.37 2.39
N TRP B 244 -32.72 -15.11 1.29
CA TRP B 244 -31.85 -16.28 1.10
C TRP B 244 -30.40 -15.86 1.01
N ILE B 245 -30.14 -14.76 0.31
CA ILE B 245 -28.80 -14.22 0.17
C ILE B 245 -28.23 -13.79 1.51
N ALA B 246 -29.05 -13.10 2.29
CA ALA B 246 -28.63 -12.62 3.61
C ALA B 246 -28.37 -13.78 4.56
N ALA B 247 -29.21 -14.81 4.48
CA ALA B 247 -29.05 -15.99 5.32
C ALA B 247 -27.77 -16.74 5.00
N VAL B 248 -27.47 -16.89 3.70
CA VAL B 248 -26.25 -17.55 3.26
C VAL B 248 -25.02 -16.77 3.69
N GLY B 249 -25.04 -15.47 3.47
CA GLY B 249 -23.95 -14.60 3.86
C GLY B 249 -23.66 -14.71 5.35
N GLN B 250 -24.73 -14.75 6.15
CA GLN B 250 -24.61 -14.85 7.60
C GLN B 250 -23.99 -16.17 8.02
N ILE B 251 -24.45 -17.27 7.42
CA ILE B 251 -23.91 -18.59 7.69
C ILE B 251 -22.40 -18.63 7.41
N PHE B 252 -22.01 -18.05 6.28
CA PHE B 252 -20.61 -17.98 5.91
C PHE B 252 -19.80 -17.20 6.93
N PHE B 253 -20.31 -16.04 7.32
CA PHE B 253 -19.57 -15.15 8.20
C PHE B 253 -19.50 -15.67 9.64
N THR B 254 -20.61 -16.22 10.13
CA THR B 254 -20.69 -16.68 11.50
C THR B 254 -19.88 -17.95 11.74
N LEU B 255 -19.80 -18.81 10.72
CA LEU B 255 -19.06 -20.06 10.85
C LEU B 255 -17.59 -19.91 10.44
N SER B 256 -17.21 -18.69 10.07
CA SER B 256 -15.84 -18.41 9.66
C SER B 256 -15.46 -19.21 8.42
N LEU B 257 -16.44 -19.41 7.54
CA LEU B 257 -16.22 -20.15 6.29
C LEU B 257 -15.75 -19.23 5.17
N GLY B 258 -14.73 -19.66 4.45
CA GLY B 258 -14.19 -18.89 3.34
C GLY B 258 -13.19 -17.85 3.79
N PHE B 259 -12.82 -17.90 5.06
CA PHE B 259 -11.83 -16.97 5.61
C PHE B 259 -10.46 -17.63 5.66
N GLY B 260 -10.43 -18.93 5.37
CA GLY B 260 -9.19 -19.68 5.45
C GLY B 260 -8.74 -19.84 6.89
N ALA B 261 -9.61 -19.41 7.81
CA ALA B 261 -9.31 -19.49 9.24
C ALA B 261 -9.49 -20.91 9.76
N ILE B 262 -10.62 -21.52 9.43
CA ILE B 262 -10.91 -22.89 9.83
C ILE B 262 -9.83 -23.85 9.34
N ILE B 263 -9.43 -23.68 8.09
CA ILE B 263 -8.40 -24.52 7.49
C ILE B 263 -7.09 -24.43 8.27
N THR B 264 -6.67 -23.20 8.55
CA THR B 264 -5.43 -22.98 9.29
C THR B 264 -5.48 -23.62 10.67
N TYR B 265 -6.57 -23.40 11.38
CA TYR B 265 -6.76 -24.02 12.69
C TYR B 265 -6.73 -25.54 12.59
N ALA B 266 -7.32 -26.06 11.52
CA ALA B 266 -7.42 -27.50 11.30
C ALA B 266 -6.07 -28.13 10.95
N SER B 267 -5.15 -27.33 10.42
CA SER B 267 -3.85 -27.84 10.00
C SER B 267 -3.02 -28.27 11.20
N TYR B 268 -3.45 -27.87 12.38
CA TYR B 268 -2.75 -28.21 13.62
C TYR B 268 -3.39 -29.42 14.30
N VAL B 269 -4.37 -30.02 13.62
CA VAL B 269 -4.98 -31.26 14.09
C VAL B 269 -4.18 -32.44 13.56
N ARG B 270 -3.80 -33.33 14.48
CA ARG B 270 -3.00 -34.49 14.10
C ARG B 270 -3.67 -35.28 12.98
N LYS B 271 -2.87 -35.88 12.11
CA LYS B 271 -3.38 -36.55 10.91
C LYS B 271 -4.44 -37.60 11.24
N ASP B 272 -4.29 -38.25 12.39
CA ASP B 272 -5.18 -39.36 12.75
C ASP B 272 -6.39 -38.96 13.58
N GLN B 273 -6.35 -37.78 14.20
CA GLN B 273 -7.44 -37.32 15.05
C GLN B 273 -8.72 -37.03 14.25
N ASP B 274 -9.86 -37.24 14.90
CA ASP B 274 -11.16 -37.02 14.28
C ASP B 274 -11.42 -35.55 13.97
N ILE B 275 -12.01 -35.30 12.80
CA ILE B 275 -12.38 -33.94 12.41
C ILE B 275 -13.88 -33.84 12.16
N VAL B 276 -14.55 -35.00 12.14
CA VAL B 276 -15.98 -35.06 11.87
C VAL B 276 -16.80 -34.60 13.07
N LEU B 277 -16.68 -35.31 14.18
CA LEU B 277 -17.44 -34.98 15.39
C LEU B 277 -16.97 -33.66 15.99
N SER B 278 -15.67 -33.39 15.87
CA SER B 278 -15.12 -32.13 16.37
C SER B 278 -15.71 -30.93 15.63
N GLY B 279 -15.75 -31.03 14.30
CA GLY B 279 -16.29 -29.96 13.48
C GLY B 279 -17.76 -29.71 13.70
N LEU B 280 -18.53 -30.79 13.80
CA LEU B 280 -19.97 -30.69 14.03
C LEU B 280 -20.26 -30.03 15.37
N THR B 281 -19.45 -30.37 16.37
CA THR B 281 -19.61 -29.80 17.70
C THR B 281 -19.35 -28.30 17.71
N ALA B 282 -18.27 -27.89 17.03
CA ALA B 282 -17.90 -26.49 16.94
C ALA B 282 -18.99 -25.67 16.25
N ALA B 283 -19.50 -26.18 15.14
CA ALA B 283 -20.55 -25.52 14.39
C ALA B 283 -21.85 -25.47 15.19
N THR B 284 -22.16 -26.57 15.87
CA THR B 284 -23.36 -26.64 16.71
C THR B 284 -23.28 -25.63 17.85
N LEU B 285 -22.12 -25.53 18.47
CA LEU B 285 -21.90 -24.57 19.56
C LEU B 285 -22.10 -23.14 19.07
N ASN B 286 -21.70 -22.88 17.83
CA ASN B 286 -21.81 -21.54 17.25
C ASN B 286 -23.26 -21.14 16.99
N GLU B 287 -24.04 -22.07 16.45
CA GLU B 287 -25.45 -21.82 16.18
C GLU B 287 -26.23 -21.60 17.47
N LYS B 288 -25.92 -22.41 18.48
CA LYS B 288 -26.51 -22.26 19.80
C LYS B 288 -26.20 -20.86 20.34
N ALA B 289 -24.96 -20.44 20.18
CA ALA B 289 -24.52 -19.14 20.64
C ALA B 289 -25.09 -18.01 19.78
N GLU B 290 -25.53 -18.36 18.58
CA GLU B 290 -26.05 -17.38 17.64
C GLU B 290 -27.55 -17.17 17.82
N VAL B 291 -28.34 -18.20 17.55
CA VAL B 291 -29.79 -18.10 17.58
C VAL B 291 -30.36 -18.03 19.00
N ILE B 292 -29.79 -18.78 19.92
CA ILE B 292 -30.30 -18.86 21.28
C ILE B 292 -29.81 -17.70 22.16
N LEU B 293 -28.53 -17.37 22.05
CA LEU B 293 -27.95 -16.31 22.86
C LEU B 293 -28.01 -14.95 22.16
N GLY B 294 -27.34 -14.85 21.03
CA GLY B 294 -27.25 -13.60 20.30
C GLY B 294 -28.59 -13.01 19.91
N GLY B 295 -29.51 -13.88 19.49
CA GLY B 295 -30.82 -13.44 19.03
C GLY B 295 -31.78 -13.15 20.16
N SER B 296 -31.40 -13.49 21.38
CA SER B 296 -32.28 -13.33 22.52
C SER B 296 -31.83 -12.20 23.45
N ILE B 297 -30.86 -11.42 23.00
CA ILE B 297 -30.38 -10.28 23.78
C ILE B 297 -30.80 -8.95 23.17
N SER B 298 -30.17 -8.59 22.07
CA SER B 298 -30.39 -7.31 21.43
C SER B 298 -31.85 -7.11 21.03
N ILE B 299 -32.33 -7.97 20.13
CA ILE B 299 -33.69 -7.85 19.58
C ILE B 299 -34.79 -7.77 20.64
N PRO B 300 -34.87 -8.77 21.53
CA PRO B 300 -35.91 -8.76 22.57
C PRO B 300 -35.88 -7.49 23.40
N ALA B 301 -34.68 -6.97 23.66
CA ALA B 301 -34.51 -5.77 24.46
C ALA B 301 -35.10 -4.54 23.74
N ALA B 302 -34.76 -4.39 22.46
CA ALA B 302 -35.27 -3.29 21.67
C ALA B 302 -36.80 -3.36 21.55
N VAL B 303 -37.30 -4.55 21.29
CA VAL B 303 -38.74 -4.78 21.18
C VAL B 303 -39.45 -4.49 22.50
N ALA B 304 -38.75 -4.74 23.61
CA ALA B 304 -39.31 -4.51 24.93
C ALA B 304 -39.60 -3.02 25.16
N PHE B 305 -38.63 -2.18 24.83
CA PHE B 305 -38.73 -0.75 25.11
C PHE B 305 -39.44 0.05 24.02
N PHE B 306 -39.15 -0.27 22.76
CA PHE B 306 -39.65 0.55 21.64
C PHE B 306 -40.68 -0.18 20.76
N GLY B 307 -41.02 -1.40 21.12
CA GLY B 307 -41.98 -2.17 20.33
C GLY B 307 -41.37 -2.71 19.05
N VAL B 308 -42.03 -3.69 18.44
CA VAL B 308 -41.49 -4.39 17.27
C VAL B 308 -41.17 -3.46 16.10
N ALA B 309 -42.14 -2.66 15.70
CA ALA B 309 -41.97 -1.76 14.54
C ALA B 309 -40.71 -0.91 14.67
N ASN B 310 -40.57 -0.24 15.81
CA ASN B 310 -39.41 0.61 16.06
C ASN B 310 -38.11 -0.18 16.12
N ALA B 311 -38.15 -1.34 16.77
CA ALA B 311 -36.98 -2.21 16.88
C ALA B 311 -36.46 -2.58 15.49
N VAL B 312 -37.36 -2.99 14.61
CA VAL B 312 -37.00 -3.31 13.24
C VAL B 312 -36.39 -2.10 12.55
N ALA B 313 -37.01 -0.93 12.77
CA ALA B 313 -36.52 0.32 12.20
C ALA B 313 -35.09 0.60 12.65
N ILE B 314 -34.82 0.36 13.93
CA ILE B 314 -33.50 0.57 14.52
C ILE B 314 -32.47 -0.39 13.94
N ALA B 315 -32.90 -1.63 13.70
CA ALA B 315 -32.03 -2.65 13.12
C ALA B 315 -31.62 -2.28 11.71
N LYS B 316 -32.59 -1.79 10.93
CA LYS B 316 -32.33 -1.36 9.56
C LYS B 316 -31.41 -0.14 9.54
N ALA B 317 -31.50 0.68 10.59
CA ALA B 317 -30.72 1.91 10.68
C ALA B 317 -29.22 1.68 10.51
N GLY B 318 -28.72 0.61 11.10
CA GLY B 318 -27.30 0.28 11.01
C GLY B 318 -26.93 -0.96 11.79
N ALA B 319 -25.73 -1.46 11.56
CA ALA B 319 -25.25 -2.65 12.25
C ALA B 319 -24.75 -2.33 13.64
N PHE B 320 -24.17 -1.15 13.81
CA PHE B 320 -23.62 -0.73 15.09
C PHE B 320 -24.62 0.05 15.93
N ASN B 321 -25.71 0.49 15.30
CA ASN B 321 -26.71 1.29 15.99
C ASN B 321 -27.44 0.51 17.08
N LEU B 322 -27.62 -0.79 16.84
CA LEU B 322 -28.32 -1.65 17.80
C LEU B 322 -27.41 -2.06 18.95
N GLY B 323 -26.13 -2.30 18.64
CA GLY B 323 -25.19 -2.81 19.63
C GLY B 323 -24.55 -1.78 20.52
N PHE B 324 -24.10 -0.67 19.93
CA PHE B 324 -23.33 0.34 20.66
C PHE B 324 -24.15 1.53 21.14
N ILE B 325 -25.37 1.67 20.63
CA ILE B 325 -26.19 2.84 20.96
C ILE B 325 -27.52 2.47 21.62
N THR B 326 -28.36 1.73 20.90
CA THR B 326 -29.70 1.40 21.38
C THR B 326 -29.66 0.57 22.65
N LEU B 327 -28.88 -0.50 22.64
CA LEU B 327 -28.82 -1.42 23.77
C LEU B 327 -28.36 -0.76 25.07
N PRO B 328 -27.19 -0.10 25.04
CA PRO B 328 -26.71 0.58 26.26
C PRO B 328 -27.67 1.69 26.69
N ALA B 329 -28.35 2.33 25.75
CA ALA B 329 -29.34 3.34 26.07
C ALA B 329 -30.49 2.70 26.85
N ILE B 330 -30.89 1.50 26.43
CA ILE B 330 -31.96 0.78 27.10
C ILE B 330 -31.56 0.39 28.52
N PHE B 331 -30.33 -0.07 28.67
CA PHE B 331 -29.82 -0.48 29.98
C PHE B 331 -29.75 0.68 30.95
N SER B 332 -29.35 1.85 30.45
CA SER B 332 -29.18 3.01 31.32
C SER B 332 -30.49 3.43 31.98
N GLN B 333 -31.59 2.84 31.52
CA GLN B 333 -32.90 3.15 32.08
C GLN B 333 -33.32 2.16 33.17
N THR B 334 -32.44 1.20 33.44
CA THR B 334 -32.72 0.21 34.49
C THR B 334 -31.69 0.33 35.62
N ALA B 335 -32.02 -0.25 36.77
CA ALA B 335 -31.12 -0.23 37.91
C ALA B 335 -29.83 -0.96 37.56
N GLY B 336 -28.70 -0.32 37.82
CA GLY B 336 -27.40 -0.91 37.53
C GLY B 336 -27.19 -1.12 36.04
N GLY B 337 -27.84 -0.28 35.23
CA GLY B 337 -27.74 -0.40 33.79
C GLY B 337 -26.35 -0.14 33.27
N THR B 338 -25.58 0.66 34.01
CA THR B 338 -24.21 0.97 33.61
C THR B 338 -23.33 -0.27 33.69
N PHE B 339 -23.47 -1.01 34.78
CA PHE B 339 -22.71 -2.25 34.95
C PHE B 339 -23.19 -3.31 33.97
N LEU B 340 -24.48 -3.27 33.65
CA LEU B 340 -25.04 -4.23 32.70
C LEU B 340 -24.49 -3.96 31.31
N GLY B 341 -24.29 -2.69 30.98
CA GLY B 341 -23.69 -2.32 29.72
C GLY B 341 -22.25 -2.80 29.67
N PHE B 342 -21.55 -2.70 30.80
CA PHE B 342 -20.19 -3.17 30.91
C PHE B 342 -20.09 -4.65 30.55
N LEU B 343 -20.97 -5.46 31.13
CA LEU B 343 -21.00 -6.89 30.84
C LEU B 343 -21.20 -7.13 29.36
N TRP B 344 -22.09 -6.36 28.75
CA TRP B 344 -22.38 -6.49 27.32
C TRP B 344 -21.13 -6.27 26.47
N PHE B 345 -20.41 -5.19 26.75
CA PHE B 345 -19.23 -4.86 25.97
C PHE B 345 -18.04 -5.75 26.30
N PHE B 346 -18.04 -6.32 27.50
CA PHE B 346 -17.02 -7.29 27.87
C PHE B 346 -17.29 -8.60 27.15
N LEU B 347 -18.56 -8.91 26.96
CA LEU B 347 -18.96 -10.09 26.21
C LEU B 347 -18.50 -9.97 24.76
N LEU B 348 -18.80 -8.83 24.16
CA LEU B 348 -18.41 -8.58 22.77
C LEU B 348 -16.89 -8.67 22.60
N PHE B 349 -16.17 -8.10 23.55
CA PHE B 349 -14.71 -8.07 23.47
C PHE B 349 -14.09 -9.46 23.42
N PHE B 350 -14.54 -10.34 24.31
CA PHE B 350 -14.03 -11.71 24.33
C PHE B 350 -14.39 -12.46 23.06
N ALA B 351 -15.65 -12.33 22.64
CA ALA B 351 -16.11 -12.99 21.42
C ALA B 351 -15.27 -12.55 20.23
N GLY B 352 -14.98 -11.26 20.16
CA GLY B 352 -14.18 -10.71 19.09
C GLY B 352 -12.72 -11.10 19.20
N LEU B 353 -12.21 -11.17 20.43
CA LEU B 353 -10.82 -11.50 20.66
C LEU B 353 -10.51 -12.93 20.24
N THR B 354 -11.44 -13.84 20.51
CA THR B 354 -11.29 -15.24 20.13
C THR B 354 -11.35 -15.42 18.62
N SER B 355 -11.96 -14.45 17.94
CA SER B 355 -12.11 -14.51 16.48
C SER B 355 -10.97 -13.79 15.78
N SER B 356 -10.55 -12.66 16.33
CA SER B 356 -9.46 -11.88 15.75
C SER B 356 -8.17 -12.68 15.68
N ILE B 357 -7.89 -13.45 16.74
CA ILE B 357 -6.69 -14.28 16.77
C ILE B 357 -6.75 -15.39 15.74
N ALA B 358 -7.97 -15.66 15.26
CA ALA B 358 -8.19 -16.75 14.31
C ALA B 358 -7.97 -16.32 12.86
N ILE B 359 -8.25 -15.05 12.56
CA ILE B 359 -8.09 -14.53 11.20
C ILE B 359 -6.71 -13.94 10.96
N MET B 360 -5.92 -13.83 12.03
CA MET B 360 -4.54 -13.39 11.91
C MET B 360 -3.62 -14.59 11.80
N GLN B 361 -4.10 -15.73 12.29
CA GLN B 361 -3.31 -16.96 12.28
C GLN B 361 -2.93 -17.42 10.87
N PRO B 362 -3.86 -17.34 9.91
CA PRO B 362 -3.53 -17.72 8.53
C PRO B 362 -2.27 -17.00 8.04
N MET B 363 -2.22 -15.70 8.26
CA MET B 363 -1.05 -14.91 7.88
C MET B 363 0.20 -15.40 8.60
N ILE B 364 0.07 -15.58 9.91
CA ILE B 364 1.18 -16.05 10.73
C ILE B 364 1.67 -17.42 10.27
N ALA B 365 0.72 -18.32 9.99
CA ALA B 365 1.04 -19.69 9.59
C ALA B 365 1.74 -19.73 8.24
N PHE B 366 1.38 -18.82 7.35
CA PHE B 366 2.02 -18.73 6.05
C PHE B 366 3.48 -18.32 6.19
N LEU B 367 3.73 -17.34 7.05
CA LEU B 367 5.10 -16.88 7.30
C LEU B 367 5.95 -17.98 7.93
N GLU B 368 5.35 -18.73 8.85
CA GLU B 368 6.05 -19.82 9.51
C GLU B 368 6.32 -20.97 8.56
N ASP B 369 5.26 -21.42 7.87
CA ASP B 369 5.34 -22.59 7.01
C ASP B 369 6.13 -22.34 5.73
N GLU B 370 5.76 -21.31 4.99
CA GLU B 370 6.29 -21.10 3.65
C GLU B 370 7.56 -20.25 3.61
N LEU B 371 7.64 -19.25 4.49
CA LEU B 371 8.82 -18.39 4.54
C LEU B 371 9.76 -18.78 5.69
N LYS B 372 9.38 -19.82 6.42
CA LYS B 372 10.22 -20.36 7.48
C LYS B 372 10.61 -19.30 8.53
N LEU B 373 9.70 -18.39 8.82
CA LEU B 373 9.93 -17.41 9.88
C LEU B 373 9.58 -18.01 11.24
N SER B 374 10.28 -17.57 12.28
CA SER B 374 9.98 -18.02 13.63
C SER B 374 8.60 -17.48 14.04
N ARG B 375 7.98 -18.11 15.03
CA ARG B 375 6.66 -17.69 15.46
C ARG B 375 6.67 -16.24 15.95
N LYS B 376 7.73 -15.87 16.66
CA LYS B 376 7.85 -14.50 17.17
C LYS B 376 7.80 -13.46 16.04
N HIS B 377 8.67 -13.62 15.06
CA HIS B 377 8.76 -12.69 13.95
C HIS B 377 7.48 -12.65 13.11
N ALA B 378 6.93 -13.83 12.82
CA ALA B 378 5.70 -13.93 12.03
C ALA B 378 4.55 -13.16 12.67
N VAL B 379 4.40 -13.32 13.98
CA VAL B 379 3.35 -12.63 14.72
C VAL B 379 3.59 -11.12 14.73
N LEU B 380 4.81 -10.72 15.05
CA LEU B 380 5.15 -9.30 15.11
C LEU B 380 4.96 -8.58 13.79
N TRP B 381 5.34 -9.24 12.69
CA TRP B 381 5.15 -8.64 11.37
C TRP B 381 3.69 -8.59 10.95
N THR B 382 2.95 -9.66 11.23
CA THR B 382 1.53 -9.69 10.94
C THR B 382 0.80 -8.59 11.69
N ALA B 383 1.17 -8.41 12.95
CA ALA B 383 0.59 -7.35 13.77
C ALA B 383 0.92 -5.97 13.21
N ALA B 384 2.17 -5.81 12.76
CA ALA B 384 2.61 -4.56 12.17
C ALA B 384 1.78 -4.23 10.93
N ILE B 385 1.59 -5.22 10.06
CA ILE B 385 0.82 -5.05 8.84
C ILE B 385 -0.62 -4.63 9.13
N VAL B 386 -1.31 -5.40 9.95
CA VAL B 386 -2.69 -5.10 10.29
C VAL B 386 -2.82 -3.74 10.94
N PHE B 387 -1.98 -3.47 11.93
CA PHE B 387 -2.01 -2.18 12.63
C PHE B 387 -1.85 -1.03 11.65
N PHE B 388 -0.82 -1.10 10.80
CA PHE B 388 -0.59 -0.07 9.80
C PHE B 388 -1.80 0.09 8.89
N SER B 389 -2.25 -1.02 8.32
CA SER B 389 -3.39 -1.01 7.41
C SER B 389 -4.64 -0.51 8.10
N ALA B 390 -4.73 -0.71 9.40
CA ALA B 390 -5.92 -0.32 10.16
C ALA B 390 -6.17 1.18 10.08
N HIS B 391 -5.10 1.97 9.98
CA HIS B 391 -5.23 3.41 9.89
C HIS B 391 -6.23 3.78 8.80
N LEU B 392 -6.25 3.00 7.73
CA LEU B 392 -7.15 3.24 6.61
C LEU B 392 -8.61 3.19 7.05
N VAL B 393 -8.94 2.22 7.90
CA VAL B 393 -10.29 2.09 8.42
C VAL B 393 -10.57 3.12 9.51
N MET B 394 -9.52 3.50 10.24
CA MET B 394 -9.67 4.45 11.33
C MET B 394 -10.00 5.86 10.85
N PHE B 395 -9.31 6.29 9.79
CA PHE B 395 -9.42 7.68 9.34
C PHE B 395 -10.22 7.87 8.05
N LEU B 396 -10.59 6.77 7.39
CA LEU B 396 -11.38 6.87 6.16
C LEU B 396 -12.81 6.35 6.31
N ASN B 397 -13.77 7.26 6.23
CA ASN B 397 -15.18 6.92 6.31
C ASN B 397 -15.60 5.97 5.19
N LYS B 398 -16.45 5.01 5.52
CA LYS B 398 -16.98 4.07 4.53
C LYS B 398 -15.94 3.06 4.07
N SER B 399 -14.70 3.23 4.49
CA SER B 399 -13.64 2.29 4.16
C SER B 399 -13.95 0.92 4.76
N LEU B 400 -14.40 0.92 6.02
CA LEU B 400 -14.76 -0.30 6.71
C LEU B 400 -15.80 -1.10 5.93
N ASP B 401 -16.88 -0.43 5.54
CA ASP B 401 -17.95 -1.09 4.80
C ASP B 401 -17.44 -1.73 3.51
N GLU B 402 -16.52 -1.04 2.84
CA GLU B 402 -15.98 -1.54 1.59
C GLU B 402 -15.19 -2.83 1.83
N MET B 403 -14.34 -2.85 2.84
CA MET B 403 -13.55 -4.03 3.17
C MET B 403 -14.46 -5.20 3.57
N ASP B 404 -15.48 -4.91 4.36
CA ASP B 404 -16.40 -5.94 4.82
C ASP B 404 -17.22 -6.50 3.66
N PHE B 405 -17.39 -5.71 2.62
CA PHE B 405 -18.15 -6.17 1.46
C PHE B 405 -17.31 -7.07 0.56
N TRP B 406 -16.23 -6.54 0.02
CA TRP B 406 -15.36 -7.29 -0.88
C TRP B 406 -14.77 -8.55 -0.24
N ALA B 407 -14.39 -8.45 1.03
CA ALA B 407 -13.74 -9.56 1.72
C ALA B 407 -14.71 -10.39 2.54
N GLY B 408 -15.43 -9.73 3.44
CA GLY B 408 -16.29 -10.44 4.39
C GLY B 408 -17.64 -10.87 3.85
N THR B 409 -17.94 -10.49 2.62
CA THR B 409 -19.23 -10.84 2.02
C THR B 409 -19.06 -11.60 0.70
N ILE B 410 -18.56 -10.91 -0.32
CA ILE B 410 -18.38 -11.53 -1.63
C ILE B 410 -17.23 -12.53 -1.64
N GLY B 411 -16.10 -12.11 -1.07
CA GLY B 411 -14.89 -12.92 -1.07
C GLY B 411 -15.02 -14.29 -0.42
N VAL B 412 -15.73 -14.34 0.70
CA VAL B 412 -15.88 -15.58 1.43
C VAL B 412 -16.70 -16.61 0.66
N VAL B 413 -17.74 -16.15 -0.03
CA VAL B 413 -18.59 -17.03 -0.83
C VAL B 413 -17.82 -17.55 -2.04
N PHE B 414 -17.18 -16.64 -2.76
CA PHE B 414 -16.35 -17.00 -3.91
C PHE B 414 -15.28 -18.00 -3.51
N PHE B 415 -14.59 -17.71 -2.40
CA PHE B 415 -13.53 -18.58 -1.90
C PHE B 415 -14.11 -19.92 -1.44
N GLY B 416 -15.30 -19.86 -0.85
CA GLY B 416 -15.98 -21.06 -0.39
C GLY B 416 -16.31 -21.98 -1.56
N LEU B 417 -16.71 -21.39 -2.67
CA LEU B 417 -17.01 -22.14 -3.89
C LEU B 417 -15.72 -22.71 -4.49
N THR B 418 -14.69 -21.88 -4.49
CA THR B 418 -13.40 -22.27 -5.07
C THR B 418 -12.77 -23.46 -4.34
N GLU B 419 -12.73 -23.38 -3.02
CA GLU B 419 -12.15 -24.45 -2.22
C GLU B 419 -12.94 -25.75 -2.36
N LEU B 420 -14.25 -25.65 -2.45
CA LEU B 420 -15.12 -26.82 -2.60
C LEU B 420 -14.87 -27.48 -3.97
N ILE B 421 -14.78 -26.64 -5.01
CA ILE B 421 -14.53 -27.13 -6.36
C ILE B 421 -13.16 -27.81 -6.46
N ILE B 422 -12.16 -27.21 -5.83
CA ILE B 422 -10.81 -27.75 -5.85
C ILE B 422 -10.71 -29.08 -5.10
N PHE B 423 -11.43 -29.17 -3.98
CA PHE B 423 -11.31 -30.33 -3.11
C PHE B 423 -12.22 -31.49 -3.54
N PHE B 424 -13.48 -31.17 -3.87
CA PHE B 424 -14.47 -32.22 -4.12
C PHE B 424 -14.67 -32.53 -5.61
N TRP B 425 -14.02 -31.78 -6.48
CA TRP B 425 -14.11 -32.04 -7.92
C TRP B 425 -12.76 -32.40 -8.52
N ILE B 426 -11.84 -31.44 -8.50
CA ILE B 426 -10.51 -31.63 -9.08
C ILE B 426 -9.72 -32.74 -8.37
N PHE B 427 -9.61 -32.62 -7.05
CA PHE B 427 -8.87 -33.58 -6.24
C PHE B 427 -9.55 -34.95 -6.24
N GLY B 428 -10.83 -34.97 -6.60
CA GLY B 428 -11.60 -36.20 -6.62
C GLY B 428 -12.62 -36.27 -5.50
N ALA B 429 -13.84 -36.67 -5.83
CA ALA B 429 -14.93 -36.73 -4.87
C ALA B 429 -14.74 -37.85 -3.86
N ASP B 430 -14.37 -39.03 -4.34
CA ASP B 430 -14.19 -40.19 -3.48
C ASP B 430 -12.97 -40.05 -2.57
N LYS B 431 -11.90 -39.50 -3.12
CA LYS B 431 -10.67 -39.26 -2.35
C LYS B 431 -10.94 -38.22 -1.27
N ALA B 432 -11.73 -37.21 -1.61
CA ALA B 432 -12.10 -36.17 -0.67
C ALA B 432 -12.99 -36.74 0.44
N TRP B 433 -13.99 -37.50 0.04
CA TRP B 433 -14.92 -38.11 0.98
C TRP B 433 -14.19 -39.05 1.94
N GLU B 434 -13.25 -39.83 1.41
CA GLU B 434 -12.47 -40.76 2.22
C GLU B 434 -11.52 -40.03 3.16
N GLU B 435 -11.05 -38.87 2.73
CA GLU B 435 -10.15 -38.05 3.54
C GLU B 435 -10.92 -37.38 4.68
N ILE B 436 -12.17 -37.02 4.43
CA ILE B 436 -13.02 -36.38 5.44
C ILE B 436 -13.41 -37.34 6.56
N ASN B 437 -13.84 -38.54 6.18
CA ASN B 437 -14.31 -39.54 7.14
C ASN B 437 -13.16 -40.26 7.85
N ARG B 438 -11.98 -40.20 7.27
CA ARG B 438 -10.82 -40.90 7.85
C ARG B 438 -10.53 -40.46 9.28
N GLY B 439 -10.50 -41.43 10.19
CA GLY B 439 -10.19 -41.16 11.58
C GLY B 439 -11.32 -40.51 12.37
N GLY B 440 -12.47 -40.34 11.73
CA GLY B 440 -13.61 -39.72 12.37
C GLY B 440 -14.29 -40.62 13.39
N ILE B 441 -14.50 -40.09 14.59
CA ILE B 441 -15.21 -40.81 15.65
C ILE B 441 -16.59 -41.24 15.17
N ILE B 442 -17.24 -40.35 14.41
CA ILE B 442 -18.48 -40.68 13.72
C ILE B 442 -18.29 -40.41 12.23
N LYS B 443 -19.19 -40.95 11.41
CA LYS B 443 -19.07 -40.76 9.97
C LYS B 443 -20.19 -39.89 9.38
N VAL B 444 -19.83 -39.13 8.35
CA VAL B 444 -20.75 -38.24 7.68
C VAL B 444 -21.86 -39.03 6.96
N PRO B 445 -23.12 -38.66 7.23
CA PRO B 445 -24.25 -39.30 6.54
C PRO B 445 -24.00 -39.36 5.04
N ARG B 446 -24.30 -40.50 4.43
CA ARG B 446 -24.04 -40.71 3.01
C ARG B 446 -24.62 -39.61 2.12
N ILE B 447 -25.75 -39.04 2.54
CA ILE B 447 -26.44 -38.04 1.74
C ILE B 447 -25.61 -36.77 1.52
N TYR B 448 -24.78 -36.41 2.50
CA TYR B 448 -23.96 -35.21 2.40
C TYR B 448 -22.90 -35.32 1.30
N TYR B 449 -22.69 -36.53 0.81
CA TYR B 449 -21.77 -36.73 -0.32
C TYR B 449 -22.32 -36.09 -1.58
N TYR B 450 -23.65 -36.07 -1.71
CA TYR B 450 -24.31 -35.47 -2.86
C TYR B 450 -24.68 -34.03 -2.63
N VAL B 451 -24.68 -33.62 -1.37
CA VAL B 451 -24.89 -32.23 -1.04
C VAL B 451 -23.63 -31.45 -1.37
N MET B 452 -22.48 -32.02 -1.01
CA MET B 452 -21.19 -31.37 -1.25
C MET B 452 -20.85 -31.34 -2.74
N ARG B 453 -21.07 -32.45 -3.41
CA ARG B 453 -20.66 -32.59 -4.81
C ARG B 453 -21.56 -31.82 -5.78
N TYR B 454 -22.85 -31.76 -5.47
CA TYR B 454 -23.81 -31.19 -6.41
C TYR B 454 -24.57 -29.97 -5.87
N ILE B 455 -25.31 -30.16 -4.79
CA ILE B 455 -26.20 -29.13 -4.26
C ILE B 455 -25.48 -27.84 -3.86
N THR B 456 -24.46 -27.98 -3.01
CA THR B 456 -23.76 -26.81 -2.47
C THR B 456 -23.12 -25.93 -3.55
N PRO B 457 -22.25 -26.51 -4.39
CA PRO B 457 -21.58 -25.70 -5.41
C PRO B 457 -22.56 -25.00 -6.35
N ALA B 458 -23.65 -25.67 -6.68
CA ALA B 458 -24.68 -25.08 -7.54
C ALA B 458 -25.33 -23.89 -6.85
N PHE B 459 -25.69 -24.08 -5.58
CA PHE B 459 -26.33 -23.02 -4.80
C PHE B 459 -25.44 -21.78 -4.73
N LEU B 460 -24.16 -21.99 -4.45
CA LEU B 460 -23.19 -20.90 -4.36
C LEU B 460 -22.97 -20.24 -5.71
N ALA B 461 -22.79 -21.07 -6.74
CA ALA B 461 -22.60 -20.57 -8.09
C ALA B 461 -23.75 -19.64 -8.48
N VAL B 462 -24.98 -20.11 -8.26
CA VAL B 462 -26.16 -19.31 -8.53
C VAL B 462 -26.14 -18.00 -7.75
N LEU B 463 -25.79 -18.09 -6.47
CA LEU B 463 -25.71 -16.92 -5.61
C LEU B 463 -24.74 -15.88 -6.15
N LEU B 464 -23.55 -16.33 -6.55
CA LEU B 464 -22.53 -15.45 -7.08
C LEU B 464 -22.98 -14.76 -8.37
N VAL B 465 -23.59 -15.52 -9.26
CA VAL B 465 -24.11 -14.99 -10.51
C VAL B 465 -25.09 -13.84 -10.22
N VAL B 466 -26.07 -14.12 -9.36
CA VAL B 466 -27.06 -13.12 -8.97
C VAL B 466 -26.40 -11.86 -8.41
N TRP B 467 -25.47 -12.06 -7.49
CA TRP B 467 -24.72 -10.95 -6.91
C TRP B 467 -24.03 -10.13 -8.00
N ALA B 468 -23.17 -10.79 -8.77
CA ALA B 468 -22.42 -10.14 -9.83
C ALA B 468 -23.30 -9.29 -10.74
N ARG B 469 -24.46 -9.83 -11.12
CA ARG B 469 -25.39 -9.12 -12.00
C ARG B 469 -25.80 -7.76 -11.45
N GLU B 470 -25.96 -7.67 -10.13
CA GLU B 470 -26.46 -6.46 -9.49
C GLU B 470 -25.36 -5.47 -9.15
N TYR B 471 -24.14 -5.97 -8.94
CA TYR B 471 -23.06 -5.13 -8.45
C TYR B 471 -22.12 -4.60 -9.55
N ILE B 472 -22.02 -5.30 -10.67
CA ILE B 472 -21.12 -4.88 -11.75
C ILE B 472 -21.42 -3.47 -12.30
N PRO B 473 -22.70 -3.08 -12.37
CA PRO B 473 -22.97 -1.72 -12.86
C PRO B 473 -22.76 -0.66 -11.79
N LYS B 474 -23.11 -0.97 -10.54
CA LYS B 474 -23.00 -0.02 -9.43
C LYS B 474 -21.56 0.34 -9.11
N ILE B 475 -20.66 -0.63 -9.22
CA ILE B 475 -19.24 -0.43 -8.87
C ILE B 475 -18.62 0.75 -9.61
N MET B 476 -18.75 0.77 -10.92
CA MET B 476 -18.17 1.83 -11.73
C MET B 476 -18.70 3.22 -11.39
N GLU B 477 -20.01 3.31 -11.14
CA GLU B 477 -20.61 4.58 -10.76
C GLU B 477 -20.77 4.72 -9.25
N GLU B 478 -19.67 5.07 -8.60
CA GLU B 478 -19.65 5.32 -7.16
C GLU B 478 -18.86 6.60 -6.92
N THR B 479 -19.51 7.60 -6.33
CA THR B 479 -18.96 8.96 -6.24
C THR B 479 -17.79 9.10 -5.28
N HIS B 480 -17.93 8.57 -4.08
CA HIS B 480 -16.94 8.75 -3.02
C HIS B 480 -15.55 8.26 -3.41
N TRP B 481 -14.53 9.04 -3.07
CA TRP B 481 -13.15 8.68 -3.37
C TRP B 481 -12.60 7.74 -2.30
N THR B 482 -13.15 7.82 -1.09
CA THR B 482 -12.71 6.97 0.01
C THR B 482 -12.74 5.50 -0.38
N VAL B 483 -13.80 5.09 -1.07
CA VAL B 483 -13.94 3.70 -1.46
C VAL B 483 -12.89 3.30 -2.49
N TRP B 484 -12.56 4.22 -3.40
CA TRP B 484 -11.55 3.94 -4.40
C TRP B 484 -10.18 3.76 -3.76
N ILE B 485 -9.85 4.64 -2.82
CA ILE B 485 -8.60 4.51 -2.08
C ILE B 485 -8.53 3.15 -1.43
N THR B 486 -9.63 2.75 -0.79
CA THR B 486 -9.70 1.45 -0.12
C THR B 486 -9.49 0.30 -1.11
N ARG B 487 -10.22 0.33 -2.21
CA ARG B 487 -10.09 -0.69 -3.24
C ARG B 487 -8.65 -0.77 -3.72
N PHE B 488 -8.08 0.40 -3.99
CA PHE B 488 -6.69 0.51 -4.44
C PHE B 488 -5.72 -0.14 -3.46
N TYR B 489 -5.92 0.12 -2.18
CA TYR B 489 -5.01 -0.38 -1.15
C TYR B 489 -5.13 -1.89 -0.94
N ILE B 490 -6.35 -2.38 -0.81
CA ILE B 490 -6.56 -3.81 -0.62
C ILE B 490 -6.08 -4.60 -1.83
N ILE B 491 -6.16 -3.99 -3.00
CA ILE B 491 -5.61 -4.60 -4.21
C ILE B 491 -4.10 -4.67 -4.10
N GLY B 492 -3.50 -3.62 -3.52
CA GLY B 492 -2.08 -3.61 -3.26
C GLY B 492 -1.68 -4.71 -2.32
N LEU B 493 -2.52 -4.97 -1.32
CA LEU B 493 -2.29 -6.05 -0.38
C LEU B 493 -2.28 -7.39 -1.10
N PHE B 494 -3.21 -7.57 -2.04
CA PHE B 494 -3.29 -8.81 -2.79
C PHE B 494 -2.01 -9.06 -3.57
N LEU B 495 -1.52 -8.02 -4.25
CA LEU B 495 -0.27 -8.12 -4.99
C LEU B 495 0.87 -8.47 -4.03
N PHE B 496 0.94 -7.75 -2.91
CA PHE B 496 1.95 -8.01 -1.90
C PHE B 496 1.98 -9.47 -1.50
N LEU B 497 0.81 -10.01 -1.17
CA LEU B 497 0.70 -11.41 -0.78
C LEU B 497 1.10 -12.36 -1.91
N THR B 498 0.66 -12.02 -3.13
CA THR B 498 1.04 -12.81 -4.29
C THR B 498 2.55 -12.81 -4.48
N PHE B 499 3.17 -11.68 -4.16
CA PHE B 499 4.61 -11.57 -4.24
C PHE B 499 5.30 -12.43 -3.18
N LEU B 500 4.74 -12.47 -1.98
CA LEU B 500 5.26 -13.32 -0.93
C LEU B 500 5.14 -14.79 -1.31
N VAL B 501 4.00 -15.15 -1.90
CA VAL B 501 3.79 -16.51 -2.38
C VAL B 501 4.83 -16.86 -3.43
N PHE B 502 5.20 -15.87 -4.23
CA PHE B 502 6.22 -16.05 -5.24
C PHE B 502 7.57 -16.34 -4.60
N LEU B 503 7.93 -15.54 -3.60
CA LEU B 503 9.18 -15.72 -2.88
C LEU B 503 9.25 -17.07 -2.20
N ALA B 504 8.14 -17.48 -1.59
CA ALA B 504 8.06 -18.77 -0.91
C ALA B 504 8.24 -19.92 -1.90
N GLU B 505 7.72 -19.71 -3.11
CA GLU B 505 7.82 -20.71 -4.16
C GLU B 505 9.26 -20.87 -4.66
N ARG B 506 9.98 -19.75 -4.71
CA ARG B 506 11.37 -19.75 -5.17
C ARG B 506 12.31 -20.35 -4.14
N ARG B 507 12.01 -20.13 -2.86
CA ARG B 507 12.83 -20.66 -1.78
C ARG B 507 12.84 -22.19 -1.80
N ARG B 508 11.68 -22.77 -2.14
CA ARG B 508 11.55 -24.22 -2.23
C ARG B 508 12.55 -24.80 -3.24
N ASN B 509 12.57 -24.22 -4.44
CA ASN B 509 13.49 -24.67 -5.49
C ASN B 509 14.94 -24.58 -5.06
NA NA C . 19.18 10.37 -18.32
NA NA D . 21.36 15.59 -14.57
N MSE E . 19.59 12.79 -12.66
CA MSE E . 18.17 12.70 -12.95
C MSE E . 17.67 13.96 -13.64
O MSE E . 16.64 13.95 -14.32
OXT MSE E . 18.27 15.03 -13.53
CB MSE E . 17.38 12.47 -11.65
CG MSE E . 17.86 11.27 -10.85
SE MSE E . 17.87 9.61 -11.90
CE MSE E . 16.02 9.65 -12.52
NA NA F . -14.90 -15.58 18.63
NA NA G . -20.20 -17.00 14.64
N MSE H . -17.09 -16.04 12.85
CA MSE H . -16.65 -14.67 13.12
C MSE H . -17.77 -13.86 13.74
O MSE H . -17.54 -12.86 14.43
OXT MSE H . -18.96 -14.16 13.56
CB MSE H . -16.19 -14.01 11.82
CG MSE H . -15.11 -14.79 11.08
SE MSE H . -13.51 -15.07 12.14
CE MSE H . -13.19 -13.22 12.69
#